data_7ZC0
#
_entry.id   7ZC0
#
_cell.length_a   262.563
_cell.length_b   262.563
_cell.length_c   72.232
_cell.angle_alpha   90.000
_cell.angle_beta   90.000
_cell.angle_gamma   90.000
#
_symmetry.space_group_name_H-M   'I 41 2 2'
#
loop_
_entity.id
_entity.type
_entity.pdbx_description
1 polymer 4,6-alpha-Glucanotransferase
2 non-polymer GLYCEROL
3 non-polymer 'CALCIUM ION'
4 water water
#
_entity_poly.entity_id   1
_entity_poly.type   'polypeptide(L)'
_entity_poly.pdbx_seq_one_letter_code
;MAHHHHHHSAALEVLFQGPGYSSGPELDNRVIFQSFSLYQPYESNMYKILATKGDLLKEWGITDVWLPPAYRSFNMARYM
EGYAIADRYDLGEFNQGPNNERATKYGTSDELKDMIDKLHAAGLKVQLDLVPNQLLGLNGREAVYVTRVDNNGDLFKNPY
TTGLTTRIRADLYLAYTKGGGQGQAKYGYIKEWNKNYFNGTSLQGQGMGRVMTDDNGKPYRFFGPNDPRNYLPSWLEEAA
AANKINTVDTYLPVDGWYAAKDAATSDQYWKPMLIHYAKDKGYLSFMSQHGFATVDDIINGDNAEIAKWTNAYIQSRPEY
GFGSEERSYKNDNTGVDDQDQFLFVEENGSTKHNIHNTIHGNYEFLVGLDIDNSNPTVRKEQIHWMNWLLDTYKFDGFRI
DAATHFDKQVLLDEADVRKAHFGNDLNNHLSYIESYTSKAEKFENENGNPHLTMDWALYYTLQDTLGKGTPSQKLSTIAT
NSVVNRSGSGSAHAIPNWSFVNNHDQEKNRVNTIMLDLYGIKTGEKYTTTPPKSFADLYDKETEKKALAIYKDDMKRVDK
KYAPNNVVSQYAFLLTNKDTVPTIYYGDLYQTDASYMSKPTLYYEPITKLLKMRKAYAYGGQKITGYTSNTSPETAGQDL
IASVRYGKDRYTGVAVVIGTNPKTDTTIKVDMGTKHANQVFKDATGFHSEKLVADNKGVLTIRVKGTANALVKGYLGVWV
PTKDKA
;
_entity_poly.pdbx_strand_id   AAA
#
# COMPACT_ATOMS: atom_id res chain seq x y z
N VAL A 14 31.89 -5.88 25.46
CA VAL A 14 31.46 -7.18 24.88
C VAL A 14 29.93 -7.23 24.89
N LEU A 15 29.30 -6.97 23.73
CA LEU A 15 27.85 -6.85 23.59
C LEU A 15 27.26 -8.10 22.95
N PHE A 16 26.03 -8.46 23.35
CA PHE A 16 25.37 -9.70 22.92
C PHE A 16 23.98 -9.42 22.37
N GLN A 17 23.74 -8.17 21.95
CA GLN A 17 22.41 -7.74 21.54
C GLN A 17 22.28 -7.82 20.03
N GLY A 18 21.74 -8.96 19.55
CA GLY A 18 21.39 -9.12 18.14
C GLY A 18 21.73 -10.50 17.55
N PRO A 19 20.96 -11.58 17.83
CA PRO A 19 20.93 -12.76 16.96
C PRO A 19 20.62 -12.44 15.48
N GLY A 20 19.49 -11.75 15.24
CA GLY A 20 18.88 -11.63 13.92
C GLY A 20 17.97 -12.84 13.64
N TYR A 21 17.14 -12.77 12.58
CA TYR A 21 16.33 -13.91 12.16
C TYR A 21 17.20 -14.94 11.45
N SER A 22 16.87 -16.22 11.70
CA SER A 22 17.48 -17.36 11.05
C SER A 22 16.35 -18.22 10.49
N SER A 23 16.43 -18.57 9.20
CA SER A 23 15.43 -19.44 8.61
C SER A 23 15.75 -20.86 9.05
N GLY A 24 14.73 -21.57 9.54
CA GLY A 24 14.84 -22.97 9.92
C GLY A 24 13.49 -23.50 10.36
N PRO A 25 13.39 -24.76 10.82
CA PRO A 25 12.11 -25.34 11.24
C PRO A 25 11.33 -24.50 12.25
N GLU A 26 12.07 -23.77 13.09
CA GLU A 26 11.49 -22.97 14.16
C GLU A 26 10.66 -21.84 13.52
N LEU A 27 11.29 -21.10 12.61
CA LEU A 27 10.68 -19.93 12.00
C LEU A 27 9.63 -20.33 10.96
N ASP A 28 9.86 -21.47 10.30
CA ASP A 28 8.96 -22.08 9.31
C ASP A 28 7.63 -22.47 9.95
N ASN A 29 7.57 -22.54 11.28
CA ASN A 29 6.35 -22.83 12.00
C ASN A 29 5.37 -21.64 11.95
N ARG A 30 5.87 -20.42 11.71
CA ARG A 30 5.00 -19.25 11.73
C ARG A 30 4.15 -19.17 10.44
N VAL A 31 2.90 -18.73 10.57
CA VAL A 31 2.02 -18.40 9.44
C VAL A 31 1.36 -17.07 9.76
N ILE A 32 1.45 -16.10 8.84
CA ILE A 32 0.84 -14.79 9.00
C ILE A 32 -0.52 -14.82 8.29
N PHE A 33 -1.56 -14.30 8.97
CA PHE A 33 -2.84 -13.97 8.39
C PHE A 33 -2.93 -12.45 8.20
N GLN A 34 -2.90 -11.99 6.93
CA GLN A 34 -3.29 -10.64 6.58
C GLN A 34 -4.81 -10.51 6.74
N SER A 35 -5.21 -9.72 7.73
CA SER A 35 -6.56 -9.73 8.26
C SER A 35 -7.52 -8.87 7.42
N PHE A 36 -7.00 -7.98 6.57
CA PHE A 36 -7.84 -6.95 5.97
C PHE A 36 -7.66 -6.87 4.45
N SER A 37 -8.63 -6.20 3.79
CA SER A 37 -8.51 -5.68 2.42
C SER A 37 -8.92 -4.20 2.42
N LEU A 38 -8.77 -3.57 1.24
CA LEU A 38 -9.11 -2.16 1.03
C LEU A 38 -10.61 -1.98 0.84
N TYR A 39 -11.28 -3.04 0.35
CA TYR A 39 -12.65 -2.97 -0.11
C TYR A 39 -13.64 -3.31 0.99
N GLN A 40 -13.16 -3.59 2.22
CA GLN A 40 -14.05 -3.78 3.36
C GLN A 40 -14.92 -2.55 3.55
N PRO A 41 -16.21 -2.71 3.93
CA PRO A 41 -17.08 -1.55 4.13
C PRO A 41 -16.71 -0.73 5.37
N TYR A 42 -17.01 0.57 5.32
CA TYR A 42 -16.86 1.44 6.48
C TYR A 42 -17.94 1.10 7.50
N GLU A 43 -17.66 0.10 8.36
CA GLU A 43 -18.68 -0.52 9.21
C GLU A 43 -18.29 -0.45 10.69
N SER A 44 -17.04 -0.05 10.97
CA SER A 44 -16.54 0.17 12.32
C SER A 44 -16.81 -1.03 13.23
N ASN A 45 -16.61 -2.26 12.70
CA ASN A 45 -17.01 -3.46 13.43
C ASN A 45 -15.97 -4.58 13.33
N MET A 46 -14.96 -4.42 12.48
CA MET A 46 -13.96 -5.45 12.21
C MET A 46 -13.30 -5.94 13.51
N TYR A 47 -13.00 -5.05 14.45
CA TYR A 47 -12.30 -5.46 15.66
C TYR A 47 -13.22 -6.36 16.49
N LYS A 48 -14.47 -5.91 16.67
CA LYS A 48 -15.46 -6.62 17.47
C LYS A 48 -15.56 -8.07 16.99
N ILE A 49 -15.49 -8.25 15.67
CA ILE A 49 -15.71 -9.51 14.98
C ILE A 49 -14.44 -10.38 15.10
N LEU A 50 -13.31 -9.87 14.60
CA LEU A 50 -12.02 -10.54 14.63
C LEU A 50 -11.63 -10.98 16.04
N ALA A 51 -12.11 -10.26 17.06
CA ALA A 51 -11.93 -10.60 18.46
C ALA A 51 -12.43 -12.00 18.78
N THR A 52 -13.28 -12.57 17.90
CA THR A 52 -13.94 -13.83 18.20
C THR A 52 -13.32 -15.01 17.46
N LYS A 53 -12.24 -14.78 16.69
CA LYS A 53 -11.80 -15.74 15.67
C LYS A 53 -10.48 -16.43 16.03
N GLY A 54 -10.00 -16.23 17.26
CA GLY A 54 -8.71 -16.75 17.68
C GLY A 54 -8.57 -18.25 17.54
N ASP A 55 -9.61 -19.00 17.96
CA ASP A 55 -9.61 -20.47 17.88
C ASP A 55 -9.57 -20.94 16.42
N LEU A 56 -10.44 -20.36 15.59
CA LEU A 56 -10.43 -20.63 14.16
C LEU A 56 -9.02 -20.42 13.61
N LEU A 57 -8.40 -19.29 13.96
CA LEU A 57 -7.08 -18.92 13.45
C LEU A 57 -6.04 -19.95 13.91
N LYS A 58 -6.14 -20.38 15.16
CA LYS A 58 -5.33 -21.44 15.74
C LYS A 58 -5.48 -22.77 14.99
N GLU A 59 -6.71 -23.14 14.62
CA GLU A 59 -6.98 -24.35 13.86
C GLU A 59 -6.13 -24.40 12.60
N TRP A 60 -6.03 -23.28 11.88
CA TRP A 60 -5.31 -23.15 10.62
C TRP A 60 -3.80 -23.07 10.81
N GLY A 61 -3.35 -22.94 12.08
CA GLY A 61 -1.94 -22.81 12.39
C GLY A 61 -1.43 -21.39 12.15
N ILE A 62 -2.34 -20.40 12.15
CA ILE A 62 -1.97 -19.00 12.16
C ILE A 62 -1.26 -18.75 13.48
N THR A 63 -0.11 -18.04 13.41
CA THR A 63 0.68 -17.66 14.58
C THR A 63 0.63 -16.14 14.78
N ASP A 64 0.52 -15.37 13.68
CA ASP A 64 0.61 -13.92 13.71
C ASP A 64 -0.45 -13.25 12.83
N VAL A 65 -1.11 -12.22 13.38
CA VAL A 65 -2.17 -11.45 12.74
C VAL A 65 -1.64 -10.06 12.34
N TRP A 66 -1.46 -9.83 11.03
CA TRP A 66 -1.22 -8.50 10.49
C TRP A 66 -2.53 -7.70 10.49
N LEU A 67 -2.55 -6.64 11.30
CA LEU A 67 -3.72 -5.79 11.48
C LEU A 67 -3.60 -4.59 10.56
N PRO A 68 -4.73 -4.01 10.09
CA PRO A 68 -4.66 -2.86 9.17
C PRO A 68 -3.99 -1.67 9.86
N PRO A 69 -3.60 -0.60 9.11
CA PRO A 69 -3.12 0.62 9.75
C PRO A 69 -4.31 1.21 10.50
N ALA A 70 -4.16 1.37 11.82
CA ALA A 70 -5.26 1.76 12.70
C ALA A 70 -5.40 3.28 12.87
N TYR A 71 -4.61 4.09 12.15
CA TYR A 71 -4.54 5.52 12.39
C TYR A 71 -5.73 6.23 11.77
N ARG A 72 -5.95 7.49 12.19
CA ARG A 72 -7.00 8.31 11.63
C ARG A 72 -6.70 8.57 10.16
N SER A 73 -7.73 8.42 9.32
CA SER A 73 -7.58 8.56 7.88
C SER A 73 -7.90 9.99 7.49
N PHE A 74 -7.22 10.49 6.45
CA PHE A 74 -7.72 11.64 5.72
C PHE A 74 -9.18 11.33 5.40
N ASN A 75 -10.09 12.30 5.50
CA ASN A 75 -11.52 12.03 5.42
C ASN A 75 -11.96 11.68 3.99
N MET A 76 -11.19 12.15 2.98
CA MET A 76 -11.46 11.93 1.56
C MET A 76 -10.60 10.79 0.99
N ALA A 77 -9.87 10.08 1.86
CA ALA A 77 -9.14 8.90 1.42
C ALA A 77 -10.07 7.94 0.65
N ARG A 78 -9.57 7.43 -0.48
CA ARG A 78 -10.32 6.60 -1.40
C ARG A 78 -10.99 5.44 -0.63
N TYR A 79 -10.22 4.76 0.23
CA TYR A 79 -10.66 3.55 0.90
C TYR A 79 -10.87 3.77 2.40
N MET A 80 -10.46 4.95 2.90
CA MET A 80 -10.52 5.27 4.33
C MET A 80 -9.76 4.25 5.17
N GLU A 81 -8.73 3.62 4.61
CA GLU A 81 -8.17 2.41 5.21
C GLU A 81 -7.21 2.71 6.36
N GLY A 82 -6.60 3.90 6.38
CA GLY A 82 -5.63 4.23 7.42
C GLY A 82 -4.17 4.36 6.97
N TYR A 83 -3.91 4.45 5.65
CA TYR A 83 -2.57 4.78 5.14
C TYR A 83 -2.45 6.26 4.77
N ALA A 84 -3.56 6.90 4.42
CA ALA A 84 -3.58 8.34 4.27
C ALA A 84 -3.81 8.97 5.63
N ILE A 85 -2.72 9.15 6.39
CA ILE A 85 -2.80 9.45 7.81
C ILE A 85 -2.90 10.96 8.04
N ALA A 86 -4.01 11.40 8.67
CA ALA A 86 -4.23 12.77 9.12
C ALA A 86 -3.83 12.97 10.59
N ASP A 87 -3.79 11.88 11.38
CA ASP A 87 -3.28 11.93 12.75
C ASP A 87 -2.74 10.57 13.20
N ARG A 88 -1.40 10.49 13.38
CA ARG A 88 -0.68 9.24 13.61
C ARG A 88 -0.86 8.70 15.04
N TYR A 89 -1.54 9.45 15.93
CA TYR A 89 -1.72 9.02 17.33
C TYR A 89 -3.19 8.84 17.71
N ASP A 90 -4.10 8.85 16.70
CA ASP A 90 -5.54 8.69 16.90
C ASP A 90 -6.01 7.37 16.29
N LEU A 91 -6.04 6.32 17.11
CA LEU A 91 -6.40 4.98 16.65
C LEU A 91 -7.81 4.66 17.15
N GLY A 92 -8.74 5.57 16.88
CA GLY A 92 -10.13 5.38 17.28
C GLY A 92 -10.39 5.87 18.70
N GLU A 93 -9.49 6.74 19.20
CA GLU A 93 -9.54 7.37 20.52
C GLU A 93 -10.27 8.71 20.48
N PHE A 94 -9.91 9.61 19.54
CA PHE A 94 -10.39 10.98 19.51
C PHE A 94 -11.57 11.12 18.55
N ASN A 95 -12.31 12.23 18.69
CA ASN A 95 -13.55 12.49 17.98
C ASN A 95 -13.27 13.18 16.64
N GLN A 96 -12.45 12.51 15.80
CA GLN A 96 -11.86 13.05 14.58
C GLN A 96 -12.31 12.29 13.31
N GLY A 97 -13.32 11.43 13.44
CA GLY A 97 -13.89 10.74 12.30
C GLY A 97 -14.89 11.62 11.54
N PRO A 98 -15.60 11.09 10.51
CA PRO A 98 -16.72 11.81 9.88
C PRO A 98 -17.86 11.95 10.89
N ASN A 99 -18.38 13.18 11.04
CA ASN A 99 -19.39 13.50 12.04
C ASN A 99 -18.82 13.32 13.46
N ASN A 100 -17.51 13.56 13.60
CA ASN A 100 -16.76 13.56 14.85
C ASN A 100 -16.96 12.25 15.61
N GLU A 101 -16.94 11.13 14.89
CA GLU A 101 -16.97 9.78 15.45
C GLU A 101 -15.58 9.38 15.95
N ARG A 102 -15.55 8.48 16.95
CA ARG A 102 -14.33 7.96 17.56
C ARG A 102 -13.73 6.85 16.71
N ALA A 103 -14.61 6.00 16.19
CA ALA A 103 -14.21 4.81 15.46
C ALA A 103 -13.52 5.20 14.16
N THR A 104 -12.53 4.40 13.78
CA THR A 104 -11.95 4.40 12.46
C THR A 104 -12.86 3.55 11.55
N LYS A 105 -12.38 3.17 10.37
CA LYS A 105 -13.07 2.22 9.52
C LYS A 105 -13.34 0.92 10.29
N TYR A 106 -12.41 0.58 11.19
CA TYR A 106 -12.35 -0.74 11.79
C TYR A 106 -12.99 -0.76 13.18
N GLY A 107 -13.10 0.41 13.84
CA GLY A 107 -13.66 0.49 15.17
C GLY A 107 -12.80 1.31 16.15
N THR A 108 -13.27 1.41 17.40
CA THR A 108 -12.73 2.26 18.45
C THR A 108 -11.44 1.67 19.01
N SER A 109 -10.63 2.50 19.69
CA SER A 109 -9.38 2.12 20.37
C SER A 109 -9.65 1.02 21.40
N ASP A 110 -10.73 1.23 22.16
CA ASP A 110 -11.21 0.31 23.18
C ASP A 110 -11.48 -1.07 22.57
N GLU A 111 -12.08 -1.10 21.37
CA GLU A 111 -12.35 -2.32 20.63
C GLU A 111 -11.06 -2.96 20.12
N LEU A 112 -10.11 -2.11 19.71
CA LEU A 112 -8.80 -2.55 19.27
C LEU A 112 -8.04 -3.17 20.46
N LYS A 113 -8.03 -2.47 21.59
CA LYS A 113 -7.43 -2.96 22.83
C LYS A 113 -7.97 -4.34 23.21
N ASP A 114 -9.32 -4.46 23.26
CA ASP A 114 -10.04 -5.68 23.67
C ASP A 114 -9.69 -6.85 22.74
N MET A 115 -9.63 -6.56 21.42
CA MET A 115 -9.41 -7.54 20.36
C MET A 115 -8.01 -8.13 20.44
N ILE A 116 -7.01 -7.25 20.61
CA ILE A 116 -5.63 -7.64 20.91
C ILE A 116 -5.60 -8.49 22.18
N ASP A 117 -6.35 -8.09 23.20
CA ASP A 117 -6.41 -8.83 24.46
C ASP A 117 -6.89 -10.26 24.23
N LYS A 118 -8.02 -10.41 23.51
CA LYS A 118 -8.64 -11.69 23.19
C LYS A 118 -7.75 -12.58 22.30
N LEU A 119 -6.98 -11.98 21.36
CA LEU A 119 -6.17 -12.71 20.38
C LEU A 119 -4.90 -13.24 21.02
N HIS A 120 -4.26 -12.43 21.88
CA HIS A 120 -3.22 -12.92 22.77
C HIS A 120 -3.76 -14.10 23.57
N ALA A 121 -4.98 -13.95 24.11
CA ALA A 121 -5.61 -14.98 24.94
C ALA A 121 -5.72 -16.30 24.18
N ALA A 122 -5.82 -16.22 22.85
CA ALA A 122 -5.86 -17.38 21.98
C ALA A 122 -4.46 -17.86 21.58
N GLY A 123 -3.41 -17.28 22.17
CA GLY A 123 -2.02 -17.65 21.86
C GLY A 123 -1.51 -17.11 20.52
N LEU A 124 -2.16 -16.08 19.96
CA LEU A 124 -1.68 -15.48 18.71
C LEU A 124 -0.87 -14.22 19.02
N LYS A 125 0.00 -13.78 18.10
CA LYS A 125 0.70 -12.51 18.15
C LYS A 125 0.03 -11.58 17.11
N VAL A 126 0.23 -10.26 17.26
CA VAL A 126 -0.35 -9.29 16.33
C VAL A 126 0.71 -8.25 15.95
N GLN A 127 0.72 -7.84 14.67
CA GLN A 127 1.53 -6.72 14.22
C GLN A 127 0.64 -5.56 13.77
N LEU A 128 1.00 -4.33 14.17
CA LEU A 128 0.39 -3.14 13.57
C LEU A 128 1.04 -2.86 12.20
N ASP A 129 0.23 -2.36 11.26
CA ASP A 129 0.71 -1.81 9.99
C ASP A 129 1.28 -0.40 10.27
N LEU A 130 2.62 -0.32 10.36
CA LEU A 130 3.39 0.89 10.67
C LEU A 130 3.68 1.67 9.38
N VAL A 131 3.38 2.99 9.41
CA VAL A 131 3.37 3.82 8.22
C VAL A 131 4.29 5.04 8.39
N PRO A 132 5.63 4.85 8.28
CA PRO A 132 6.57 5.95 8.49
C PRO A 132 6.71 6.92 7.33
N ASN A 133 6.28 6.49 6.11
CA ASN A 133 6.62 7.17 4.86
C ASN A 133 5.96 8.54 4.70
N GLN A 134 4.67 8.68 5.05
CA GLN A 134 3.91 9.86 4.67
C GLN A 134 2.77 10.15 5.64
N LEU A 135 2.33 11.41 5.61
CA LEU A 135 1.00 11.80 6.03
C LEU A 135 0.24 12.27 4.80
N LEU A 136 -1.08 12.40 4.92
CA LEU A 136 -1.89 12.93 3.84
C LEU A 136 -3.09 13.64 4.48
N GLY A 137 -3.26 14.93 4.13
CA GLY A 137 -4.52 15.62 4.31
C GLY A 137 -4.56 16.53 5.56
N LEU A 138 -3.52 17.36 5.73
CA LEU A 138 -3.41 18.27 6.86
C LEU A 138 -4.12 19.57 6.49
N ASN A 139 -4.69 20.23 7.50
CA ASN A 139 -5.69 21.27 7.26
C ASN A 139 -5.05 22.64 7.01
N GLY A 140 -3.75 22.76 7.29
CA GLY A 140 -3.16 24.09 7.29
C GLY A 140 -2.09 24.26 6.23
N ARG A 141 -2.16 25.40 5.51
CA ARG A 141 -1.29 25.66 4.37
C ARG A 141 -0.05 26.45 4.79
N GLU A 142 1.07 26.21 4.10
CA GLU A 142 2.24 27.07 4.14
C GLU A 142 2.75 27.32 2.72
N ALA A 143 3.69 28.26 2.58
CA ALA A 143 4.38 28.57 1.33
C ALA A 143 5.70 27.80 1.27
N VAL A 144 5.96 27.12 0.14
CA VAL A 144 7.16 26.34 -0.12
C VAL A 144 7.69 26.73 -1.50
N TYR A 145 8.96 26.38 -1.79
CA TYR A 145 9.49 26.33 -3.14
C TYR A 145 9.47 24.88 -3.63
N VAL A 146 9.06 24.67 -4.89
CA VAL A 146 8.93 23.31 -5.41
C VAL A 146 9.71 23.18 -6.71
N THR A 147 10.34 22.01 -6.89
CA THR A 147 10.83 21.51 -8.17
C THR A 147 10.04 20.25 -8.55
N ARG A 148 9.58 20.21 -9.80
CA ARG A 148 8.72 19.16 -10.31
C ARG A 148 9.58 17.92 -10.60
N VAL A 149 9.31 16.85 -9.85
CA VAL A 149 10.17 15.70 -9.96
C VAL A 149 9.32 14.43 -10.00
N ASP A 150 9.95 13.33 -10.43
CA ASP A 150 9.35 12.01 -10.50
C ASP A 150 9.49 11.31 -9.15
N ASN A 151 9.24 9.99 -9.11
CA ASN A 151 9.24 9.21 -7.87
C ASN A 151 10.62 9.14 -7.20
N ASN A 152 11.67 9.38 -8.01
CA ASN A 152 13.08 9.32 -7.62
C ASN A 152 13.63 10.72 -7.27
N GLY A 153 12.81 11.76 -7.46
CA GLY A 153 13.23 13.13 -7.21
C GLY A 153 14.09 13.71 -8.33
N ASP A 154 14.16 13.02 -9.49
CA ASP A 154 14.82 13.53 -10.68
C ASP A 154 13.83 14.43 -11.42
N LEU A 155 14.32 15.49 -12.10
CA LEU A 155 13.50 16.44 -12.82
C LEU A 155 12.52 15.66 -13.71
N PHE A 156 11.24 16.10 -13.70
CA PHE A 156 10.17 15.43 -14.42
C PHE A 156 10.20 15.83 -15.90
N LYS A 157 10.02 14.83 -16.80
CA LYS A 157 10.19 15.02 -18.25
C LYS A 157 8.93 14.72 -19.04
N ASN A 158 7.77 14.78 -18.38
CA ASN A 158 6.47 14.66 -19.01
C ASN A 158 6.46 13.53 -20.05
N PRO A 159 6.92 12.29 -19.73
CA PRO A 159 7.10 11.26 -20.77
C PRO A 159 5.86 10.74 -21.50
N TYR A 160 4.68 10.90 -20.87
CA TYR A 160 3.41 10.47 -21.46
C TYR A 160 2.67 11.60 -22.16
N THR A 161 3.16 12.85 -22.06
CA THR A 161 2.62 14.00 -22.77
C THR A 161 3.67 14.60 -23.72
N THR A 162 4.24 15.78 -23.38
CA THR A 162 4.99 16.59 -24.33
C THR A 162 6.43 16.10 -24.50
N GLY A 163 6.88 15.25 -23.56
CA GLY A 163 8.26 14.80 -23.51
C GLY A 163 9.27 15.92 -23.16
N LEU A 164 8.79 17.08 -22.70
CA LEU A 164 9.65 18.21 -22.35
C LEU A 164 10.15 18.09 -20.91
N THR A 165 11.44 18.42 -20.68
CA THR A 165 11.94 18.59 -19.32
C THR A 165 11.27 19.81 -18.67
N THR A 166 10.78 19.63 -17.45
CA THR A 166 10.04 20.64 -16.70
C THR A 166 10.92 21.88 -16.48
N ARG A 167 10.25 23.04 -16.42
CA ARG A 167 10.84 24.31 -16.03
C ARG A 167 10.30 24.73 -14.64
N ILE A 168 9.55 23.84 -13.98
CA ILE A 168 9.14 24.07 -12.59
C ILE A 168 10.32 23.73 -11.68
N ARG A 169 11.10 24.78 -11.34
CA ARG A 169 12.38 24.66 -10.67
C ARG A 169 12.45 25.79 -9.65
N ALA A 170 12.27 25.44 -8.36
CA ALA A 170 12.31 26.41 -7.28
C ALA A 170 11.23 27.47 -7.45
N ASP A 171 9.99 27.04 -7.77
CA ASP A 171 8.87 27.96 -7.95
C ASP A 171 8.01 27.98 -6.70
N LEU A 172 7.31 29.09 -6.48
CA LEU A 172 6.56 29.38 -5.27
C LEU A 172 5.18 28.72 -5.33
N TYR A 173 4.77 28.10 -4.21
CA TYR A 173 3.63 27.21 -4.18
C TYR A 173 3.05 27.19 -2.78
N LEU A 174 1.72 27.14 -2.69
CA LEU A 174 1.06 27.06 -1.40
C LEU A 174 0.44 25.68 -1.23
N ALA A 175 1.07 24.91 -0.35
CA ALA A 175 0.78 23.51 -0.09
C ALA A 175 0.15 23.38 1.30
N TYR A 176 -0.69 22.36 1.45
CA TYR A 176 -1.12 21.85 2.73
C TYR A 176 0.00 21.01 3.31
N THR A 177 0.71 21.55 4.33
CA THR A 177 1.90 20.96 4.91
C THR A 177 1.87 20.98 6.46
N LYS A 178 0.84 21.57 7.07
CA LYS A 178 0.85 21.86 8.50
C LYS A 178 -0.42 21.35 9.21
N GLY A 179 -0.23 20.57 10.29
CA GLY A 179 -1.32 19.98 11.06
C GLY A 179 -0.87 18.69 11.74
N GLY A 180 -1.83 17.84 12.10
CA GLY A 180 -1.50 16.50 12.59
C GLY A 180 -2.51 15.95 13.59
N GLY A 181 -3.52 16.75 13.92
CA GLY A 181 -4.58 16.27 14.79
C GLY A 181 -4.21 16.35 16.27
N GLN A 182 -5.17 15.99 17.13
CA GLN A 182 -5.09 16.11 18.57
C GLN A 182 -4.18 15.02 19.14
N GLY A 183 -4.13 13.86 18.47
CA GLY A 183 -3.27 12.75 18.83
C GLY A 183 -1.81 13.18 18.90
N GLN A 184 -1.22 13.48 17.74
CA GLN A 184 0.07 14.14 17.61
C GLN A 184 0.28 15.21 18.69
N ALA A 185 -0.67 16.13 18.81
CA ALA A 185 -0.60 17.31 19.68
C ALA A 185 -0.44 16.91 21.13
N LYS A 186 -1.15 15.85 21.54
CA LYS A 186 -1.12 15.29 22.89
C LYS A 186 0.05 14.33 23.10
N TYR A 187 0.15 13.27 22.28
CA TYR A 187 1.06 12.18 22.60
C TYR A 187 2.41 12.27 21.89
N GLY A 188 2.57 13.22 20.95
CA GLY A 188 3.71 13.18 20.06
C GLY A 188 4.97 13.84 20.63
N TYR A 189 6.14 13.47 20.06
CA TYR A 189 7.36 14.24 20.22
C TYR A 189 7.27 15.53 19.38
N ILE A 190 7.20 15.41 18.04
CA ILE A 190 6.72 16.55 17.26
C ILE A 190 5.26 16.78 17.66
N LYS A 191 4.88 18.06 17.86
CA LYS A 191 3.53 18.38 18.30
C LYS A 191 2.62 18.75 17.12
N GLU A 192 3.25 19.28 16.05
CA GLU A 192 2.64 19.69 14.81
C GLU A 192 3.64 19.45 13.69
N TRP A 193 3.18 18.87 12.58
CA TRP A 193 3.99 18.72 11.38
C TRP A 193 3.90 20.02 10.61
N ASN A 194 4.97 20.32 9.86
CA ASN A 194 5.04 21.45 8.94
C ASN A 194 6.04 21.11 7.85
N LYS A 195 6.13 22.00 6.86
CA LYS A 195 6.90 21.85 5.63
C LYS A 195 8.34 21.42 5.89
N ASN A 196 8.91 21.87 7.02
CA ASN A 196 10.32 21.62 7.30
C ASN A 196 10.59 20.13 7.45
N TYR A 197 9.54 19.37 7.81
CA TYR A 197 9.65 17.98 8.16
C TYR A 197 9.39 17.03 6.98
N PHE A 198 9.16 17.58 5.76
CA PHE A 198 8.78 16.82 4.58
C PHE A 198 9.77 17.06 3.46
N ASN A 199 10.09 15.99 2.73
CA ASN A 199 10.90 16.09 1.54
C ASN A 199 10.12 16.76 0.41
N GLY A 200 8.79 16.62 0.44
CA GLY A 200 7.92 17.18 -0.58
C GLY A 200 6.53 16.57 -0.51
N THR A 201 5.74 16.75 -1.58
CA THR A 201 4.36 16.32 -1.57
C THR A 201 4.02 15.83 -2.98
N SER A 202 3.04 14.94 -3.04
CA SER A 202 2.49 14.63 -4.36
C SER A 202 1.71 15.87 -4.74
N LEU A 203 1.53 16.06 -6.04
CA LEU A 203 0.82 17.22 -6.58
C LEU A 203 -0.50 17.37 -5.82
N GLN A 204 -0.81 18.61 -5.42
CA GLN A 204 -1.97 18.86 -4.59
C GLN A 204 -3.03 19.66 -5.36
N GLY A 205 -2.76 19.94 -6.64
CA GLY A 205 -3.75 20.58 -7.49
C GLY A 205 -4.13 21.94 -6.93
N GLN A 206 -3.11 22.69 -6.49
CA GLN A 206 -3.32 24.08 -6.08
C GLN A 206 -2.97 25.01 -7.23
N GLY A 207 -2.22 24.51 -8.21
CA GLY A 207 -1.80 25.30 -9.37
C GLY A 207 -0.57 26.18 -9.09
N MET A 208 0.17 26.48 -10.16
CA MET A 208 1.43 27.21 -10.09
C MET A 208 1.22 28.71 -10.02
N GLY A 209 -0.04 29.16 -10.20
CA GLY A 209 -0.32 30.58 -10.23
C GLY A 209 -1.11 30.99 -8.99
N ARG A 210 -1.01 30.17 -7.95
CA ARG A 210 -1.79 30.30 -6.73
C ARG A 210 -1.33 31.49 -5.92
N VAL A 211 -0.01 31.81 -5.94
CA VAL A 211 0.49 33.02 -5.30
C VAL A 211 0.24 34.19 -6.24
N MET A 212 -0.26 35.30 -5.67
CA MET A 212 -0.55 36.51 -6.41
C MET A 212 0.77 37.25 -6.69
N THR A 213 0.96 37.58 -7.97
CA THR A 213 2.18 38.15 -8.52
C THR A 213 1.86 39.43 -9.30
N ASP A 214 2.91 40.22 -9.64
CA ASP A 214 2.79 41.34 -10.56
C ASP A 214 3.04 40.85 -11.99
N ASP A 215 3.22 41.78 -12.93
CA ASP A 215 3.14 41.49 -14.35
C ASP A 215 4.42 40.81 -14.83
N ASN A 216 5.50 40.95 -14.06
CA ASN A 216 6.79 40.34 -14.35
C ASN A 216 6.85 38.95 -13.72
N GLY A 217 6.46 38.87 -12.45
CA GLY A 217 6.44 37.59 -11.76
C GLY A 217 6.81 37.70 -10.28
N LYS A 218 6.96 38.92 -9.76
CA LYS A 218 7.28 39.11 -8.34
C LYS A 218 6.02 38.86 -7.52
N PRO A 219 6.08 37.97 -6.51
CA PRO A 219 4.96 37.76 -5.58
C PRO A 219 4.70 38.99 -4.71
N TYR A 220 3.43 39.17 -4.38
CA TYR A 220 2.98 40.15 -3.41
C TYR A 220 3.32 39.61 -2.01
N ARG A 221 3.72 40.51 -1.10
CA ARG A 221 4.14 40.15 0.26
C ARG A 221 3.41 41.02 1.27
N PHE A 222 2.93 40.42 2.37
CA PHE A 222 2.32 41.14 3.48
C PHE A 222 2.69 40.52 4.82
N PHE A 223 3.70 41.11 5.49
CA PHE A 223 4.13 40.72 6.83
C PHE A 223 3.28 41.43 7.90
N GLY A 224 3.01 42.71 7.70
CA GLY A 224 2.25 43.49 8.67
C GLY A 224 1.74 44.80 8.06
N PRO A 225 1.10 45.68 8.87
CA PRO A 225 0.51 46.91 8.35
C PRO A 225 1.56 47.98 8.02
N ASN A 226 2.56 48.13 8.91
CA ASN A 226 3.58 49.16 8.80
C ASN A 226 4.70 48.74 7.85
N ASP A 227 4.88 47.42 7.72
CA ASP A 227 6.13 46.78 7.33
C ASP A 227 6.72 47.36 6.04
N PRO A 228 8.02 47.76 6.04
CA PRO A 228 8.70 48.19 4.82
C PRO A 228 9.07 47.05 3.86
N ARG A 229 8.92 45.80 4.30
CA ARG A 229 9.16 44.61 3.47
C ARG A 229 7.92 44.20 2.68
N ASN A 230 6.81 44.95 2.82
CA ASN A 230 5.59 44.76 2.04
C ASN A 230 5.86 45.15 0.58
N TYR A 231 5.14 44.48 -0.33
CA TYR A 231 5.10 44.82 -1.74
C TYR A 231 3.72 44.51 -2.30
N LEU A 232 2.81 45.49 -2.27
CA LEU A 232 1.42 45.32 -2.65
C LEU A 232 1.08 46.20 -3.86
N PRO A 233 -0.09 46.02 -4.51
CA PRO A 233 -0.52 46.93 -5.58
C PRO A 233 -1.30 48.12 -5.00
N SER A 234 -1.54 49.13 -5.85
CA SER A 234 -2.25 50.36 -5.52
C SER A 234 -3.45 50.10 -4.60
N TRP A 235 -4.31 49.13 -4.98
CA TRP A 235 -5.67 48.95 -4.46
C TRP A 235 -5.73 48.37 -3.04
N LEU A 236 -4.71 47.59 -2.65
CA LEU A 236 -4.75 46.83 -1.41
C LEU A 236 -4.22 47.64 -0.23
N GLU A 237 -3.75 48.87 -0.50
CA GLU A 237 -3.09 49.73 0.47
C GLU A 237 -3.99 50.05 1.66
N GLU A 238 -5.32 50.07 1.43
CA GLU A 238 -6.30 50.32 2.49
C GLU A 238 -6.39 49.10 3.42
N ALA A 239 -6.56 47.91 2.83
CA ALA A 239 -6.59 46.65 3.55
C ALA A 239 -5.27 46.39 4.29
N ALA A 240 -4.16 46.86 3.69
CA ALA A 240 -2.80 46.73 4.22
C ALA A 240 -2.66 47.50 5.54
N ALA A 241 -2.93 48.81 5.48
CA ALA A 241 -2.93 49.67 6.65
C ALA A 241 -3.93 49.17 7.70
N ALA A 242 -5.05 48.60 7.23
CA ALA A 242 -6.13 48.09 8.07
C ALA A 242 -5.78 46.74 8.68
N ASN A 243 -4.95 45.96 7.97
CA ASN A 243 -4.46 44.66 8.40
C ASN A 243 -5.55 43.60 8.21
N LYS A 244 -6.23 43.64 7.06
CA LYS A 244 -7.32 42.72 6.70
C LYS A 244 -7.10 42.12 5.31
N ILE A 245 -6.02 41.32 5.18
CA ILE A 245 -5.72 40.52 3.99
C ILE A 245 -5.51 39.07 4.43
N ASN A 246 -6.30 38.15 3.85
CA ASN A 246 -6.01 36.72 3.93
C ASN A 246 -4.63 36.47 3.32
N THR A 247 -3.71 35.90 4.11
CA THR A 247 -2.38 35.57 3.62
C THR A 247 -2.05 34.12 3.98
N VAL A 248 -0.94 33.63 3.42
CA VAL A 248 -0.25 32.41 3.82
C VAL A 248 1.23 32.74 3.89
N ASP A 249 1.83 32.73 5.10
CA ASP A 249 3.24 33.00 5.31
C ASP A 249 3.70 34.21 4.50
N THR A 250 2.92 35.29 4.56
CA THR A 250 3.20 36.61 4.00
C THR A 250 2.73 36.71 2.54
N TYR A 251 2.54 35.56 1.87
CA TYR A 251 2.15 35.49 0.46
C TYR A 251 0.65 35.67 0.33
N LEU A 252 0.18 36.09 -0.86
CA LEU A 252 -1.23 36.35 -1.10
C LEU A 252 -1.84 35.26 -1.99
N PRO A 253 -2.74 34.39 -1.46
CA PRO A 253 -3.38 33.33 -2.24
C PRO A 253 -4.55 33.84 -3.06
N VAL A 254 -4.74 33.29 -4.27
CA VAL A 254 -5.74 33.78 -5.21
C VAL A 254 -7.14 33.66 -4.61
N ASP A 255 -7.36 32.62 -3.81
CA ASP A 255 -8.63 32.35 -3.13
C ASP A 255 -8.90 33.34 -2.00
N GLY A 256 -7.96 34.25 -1.72
CA GLY A 256 -7.98 35.08 -0.51
C GLY A 256 -8.98 36.23 -0.56
N TRP A 257 -9.47 36.63 0.62
CA TRP A 257 -10.46 37.71 0.78
C TRP A 257 -9.78 38.90 1.46
N TYR A 258 -10.36 40.11 1.30
CA TYR A 258 -9.83 41.37 1.84
C TYR A 258 -10.95 42.41 2.02
N ALA A 259 -10.74 43.35 2.95
CA ALA A 259 -11.65 44.46 3.22
C ALA A 259 -11.65 45.46 2.07
N ALA A 260 -12.69 45.35 1.21
CA ALA A 260 -12.81 46.08 -0.05
C ALA A 260 -13.12 47.56 0.18
N LYS A 261 -14.34 47.86 0.68
CA LYS A 261 -14.76 49.20 1.10
C LYS A 261 -14.71 49.27 2.62
N ASP A 262 -14.41 50.47 3.15
CA ASP A 262 -14.35 50.73 4.58
C ASP A 262 -13.50 49.65 5.24
N ALA A 263 -12.18 49.89 5.25
CA ALA A 263 -11.18 48.94 5.69
C ALA A 263 -11.26 48.74 7.21
N ALA A 264 -10.57 49.61 7.96
CA ALA A 264 -10.58 49.58 9.41
C ALA A 264 -12.00 49.81 9.92
N THR A 265 -12.37 49.06 10.98
CA THR A 265 -13.62 49.21 11.72
C THR A 265 -14.85 48.94 10.85
N SER A 266 -14.79 47.90 10.02
CA SER A 266 -15.90 47.47 9.17
C SER A 266 -15.60 46.10 8.57
N ASP A 267 -16.17 45.05 9.20
CA ASP A 267 -16.01 43.66 8.84
C ASP A 267 -17.33 43.10 8.28
N GLN A 268 -17.96 43.87 7.38
CA GLN A 268 -19.12 43.45 6.61
C GLN A 268 -18.87 43.64 5.12
N TYR A 269 -17.62 44.01 4.77
CA TYR A 269 -17.17 44.27 3.40
C TYR A 269 -15.97 43.41 3.04
N TRP A 270 -15.84 42.23 3.68
CA TRP A 270 -14.86 41.23 3.32
C TRP A 270 -15.22 40.59 1.98
N LYS A 271 -14.35 40.77 0.96
CA LYS A 271 -14.62 40.44 -0.43
C LYS A 271 -13.45 39.69 -1.06
N PRO A 272 -13.67 38.62 -1.85
CA PRO A 272 -12.62 38.01 -2.67
C PRO A 272 -11.74 39.00 -3.43
N MET A 273 -10.42 38.94 -3.19
CA MET A 273 -9.46 39.91 -3.73
C MET A 273 -9.15 39.66 -5.19
N LEU A 274 -9.79 38.64 -5.76
CA LEU A 274 -9.77 38.33 -7.18
C LEU A 274 -10.35 39.48 -8.00
N ILE A 275 -11.11 40.36 -7.34
CA ILE A 275 -11.89 41.44 -7.96
C ILE A 275 -10.99 42.31 -8.85
N HIS A 276 -9.83 42.72 -8.30
CA HIS A 276 -8.92 43.61 -9.00
C HIS A 276 -7.54 42.99 -9.19
N TYR A 277 -7.42 41.67 -8.97
CA TYR A 277 -6.22 40.93 -9.33
C TYR A 277 -6.05 40.93 -10.85
N ALA A 278 -5.22 41.85 -11.36
CA ALA A 278 -5.14 42.21 -12.76
C ALA A 278 -4.74 41.03 -13.65
N LYS A 279 -3.85 40.15 -13.14
CA LYS A 279 -3.27 39.09 -13.94
C LYS A 279 -4.32 38.09 -14.41
N ASP A 280 -5.34 37.85 -13.58
CA ASP A 280 -6.49 37.01 -13.92
C ASP A 280 -7.51 37.86 -14.67
N LYS A 281 -7.63 37.65 -15.99
CA LYS A 281 -8.55 38.41 -16.84
C LYS A 281 -9.62 37.46 -17.38
N GLY A 282 -10.67 37.24 -16.57
CA GLY A 282 -11.64 36.21 -16.87
C GLY A 282 -12.63 35.99 -15.72
N TYR A 283 -12.24 36.48 -14.53
CA TYR A 283 -13.05 36.39 -13.32
C TYR A 283 -14.27 37.31 -13.40
N LEU A 284 -14.03 38.63 -13.47
CA LEU A 284 -15.08 39.63 -13.56
C LEU A 284 -16.16 39.23 -14.57
N SER A 285 -15.75 38.57 -15.66
CA SER A 285 -16.62 38.13 -16.75
C SER A 285 -17.42 36.89 -16.35
N PHE A 286 -16.83 36.00 -15.56
CA PHE A 286 -17.52 34.82 -15.06
C PHE A 286 -18.61 35.23 -14.08
N MET A 287 -18.34 36.28 -13.30
CA MET A 287 -19.28 36.81 -12.32
C MET A 287 -20.37 37.64 -13.01
N SER A 288 -20.05 38.19 -14.20
CA SER A 288 -21.01 38.79 -15.13
C SER A 288 -22.13 37.79 -15.42
N GLN A 289 -21.77 36.63 -15.98
CA GLN A 289 -22.71 35.58 -16.33
C GLN A 289 -23.09 34.76 -15.09
N HIS A 290 -23.21 35.43 -13.93
CA HIS A 290 -23.69 34.85 -12.67
C HIS A 290 -24.18 35.96 -11.74
N GLY A 291 -25.00 36.88 -12.26
CA GLY A 291 -25.73 37.87 -11.47
C GLY A 291 -25.00 39.19 -11.25
N PHE A 292 -23.73 39.10 -10.83
CA PHE A 292 -22.93 40.21 -10.35
C PHE A 292 -22.23 40.91 -11.52
N ALA A 293 -22.98 41.84 -12.16
CA ALA A 293 -22.66 42.39 -13.47
C ALA A 293 -21.48 43.38 -13.42
N THR A 294 -21.35 44.10 -12.30
CA THR A 294 -20.41 45.22 -12.15
C THR A 294 -19.39 44.90 -11.06
N VAL A 295 -18.31 45.70 -10.99
CA VAL A 295 -17.26 45.60 -9.97
C VAL A 295 -17.91 45.69 -8.58
N ASP A 296 -18.97 46.49 -8.48
CA ASP A 296 -19.56 46.95 -7.23
C ASP A 296 -20.82 46.16 -6.86
N ASP A 297 -21.36 45.39 -7.82
CA ASP A 297 -22.46 44.46 -7.61
C ASP A 297 -21.99 43.35 -6.67
N ILE A 298 -20.69 43.02 -6.73
CA ILE A 298 -20.05 42.04 -5.85
C ILE A 298 -19.87 42.65 -4.46
N ILE A 299 -19.29 43.86 -4.41
CA ILE A 299 -18.96 44.58 -3.17
C ILE A 299 -20.16 44.64 -2.23
N ASN A 300 -21.37 44.35 -2.75
CA ASN A 300 -22.63 44.38 -2.03
C ASN A 300 -23.12 42.97 -1.69
N GLY A 301 -23.46 42.18 -2.74
CA GLY A 301 -24.12 40.88 -2.64
C GLY A 301 -23.63 40.03 -1.47
N ASP A 302 -24.45 39.07 -1.04
CA ASP A 302 -24.15 38.24 0.12
C ASP A 302 -23.07 37.22 -0.25
N ASN A 303 -22.13 36.96 0.67
CA ASN A 303 -20.92 36.21 0.43
C ASN A 303 -21.20 34.71 0.27
N ALA A 304 -22.43 34.29 0.55
CA ALA A 304 -22.88 32.93 0.30
C ALA A 304 -22.76 32.65 -1.20
N GLU A 305 -23.47 33.45 -2.01
CA GLU A 305 -23.57 33.28 -3.46
C GLU A 305 -22.33 33.83 -4.17
N ILE A 306 -21.59 34.75 -3.52
CA ILE A 306 -20.28 35.18 -4.00
C ILE A 306 -19.32 34.00 -3.91
N ALA A 307 -19.06 33.53 -2.67
CA ALA A 307 -18.18 32.41 -2.38
C ALA A 307 -18.46 31.21 -3.30
N LYS A 308 -19.74 30.77 -3.35
CA LYS A 308 -20.18 29.66 -4.19
C LYS A 308 -19.60 29.75 -5.60
N TRP A 309 -19.78 30.90 -6.26
CA TRP A 309 -19.46 31.10 -7.67
C TRP A 309 -17.98 31.42 -7.89
N THR A 310 -17.41 32.31 -7.06
CA THR A 310 -16.01 32.71 -7.16
C THR A 310 -15.07 31.51 -6.96
N ASN A 311 -15.53 30.54 -6.16
CA ASN A 311 -14.81 29.30 -5.90
C ASN A 311 -14.81 28.41 -7.15
N ALA A 312 -16.01 28.18 -7.71
CA ALA A 312 -16.20 27.34 -8.90
C ALA A 312 -15.41 27.86 -10.11
N TYR A 313 -15.17 29.18 -10.17
CA TYR A 313 -14.27 29.78 -11.14
C TYR A 313 -12.85 29.26 -10.90
N ILE A 314 -12.35 29.41 -9.66
CA ILE A 314 -11.02 28.96 -9.26
C ILE A 314 -10.74 27.58 -9.85
N GLN A 315 -11.73 26.69 -9.75
CA GLN A 315 -11.56 25.27 -10.08
C GLN A 315 -11.49 25.04 -11.60
N SER A 316 -11.97 26.01 -12.38
CA SER A 316 -12.05 25.94 -13.84
C SER A 316 -10.73 26.37 -14.51
N ARG A 317 -9.82 26.99 -13.74
CA ARG A 317 -8.57 27.56 -14.26
C ARG A 317 -7.38 26.63 -13.97
N PRO A 318 -6.59 26.25 -15.00
CA PRO A 318 -5.43 25.39 -14.79
C PRO A 318 -4.31 26.00 -13.95
N GLU A 319 -4.23 27.34 -13.88
CA GLU A 319 -3.21 28.03 -13.08
C GLU A 319 -3.51 27.87 -11.60
N TYR A 320 -4.72 27.38 -11.30
CA TYR A 320 -5.20 27.28 -9.93
C TYR A 320 -5.60 25.84 -9.62
N GLY A 321 -5.08 24.87 -10.38
CA GLY A 321 -5.42 23.47 -10.24
C GLY A 321 -4.29 22.55 -10.74
N PHE A 322 -4.61 21.25 -10.88
CA PHE A 322 -3.68 20.24 -11.38
C PHE A 322 -3.24 20.57 -12.80
N GLY A 323 -4.03 21.38 -13.51
CA GLY A 323 -3.83 21.73 -14.91
C GLY A 323 -2.48 22.41 -15.19
N SER A 324 -1.88 23.07 -14.19
CA SER A 324 -0.58 23.70 -14.38
C SER A 324 0.57 22.89 -13.75
N GLU A 325 0.28 21.71 -13.16
CA GLU A 325 1.27 21.03 -12.33
C GLU A 325 2.00 19.88 -13.05
N GLU A 326 1.74 19.73 -14.36
CA GLU A 326 2.34 18.72 -15.24
C GLU A 326 2.19 17.31 -14.67
N ARG A 327 0.95 16.90 -14.36
CA ARG A 327 0.67 15.52 -13.98
C ARG A 327 1.24 14.60 -15.06
N SER A 328 1.66 13.39 -14.67
CA SER A 328 2.25 12.38 -15.53
C SER A 328 1.18 11.78 -16.44
N TYR A 329 -0.04 11.64 -15.91
CA TYR A 329 -1.16 11.01 -16.62
C TYR A 329 -0.79 9.59 -17.04
N LYS A 330 0.00 8.92 -16.22
CA LYS A 330 0.37 7.53 -16.44
C LYS A 330 -0.83 6.61 -16.25
N ASN A 331 -1.66 6.88 -15.23
CA ASN A 331 -2.86 6.08 -14.94
C ASN A 331 -2.46 4.65 -14.60
N ASP A 332 -1.40 4.55 -13.76
CA ASP A 332 -0.89 3.31 -13.20
C ASP A 332 -2.05 2.59 -12.52
N ASN A 333 -2.19 1.26 -12.70
CA ASN A 333 -3.27 0.51 -12.07
C ASN A 333 -3.13 0.47 -10.53
N THR A 334 -2.00 0.94 -9.97
CA THR A 334 -1.88 1.02 -8.52
C THR A 334 -2.84 2.07 -7.97
N GLY A 335 -3.29 2.99 -8.82
CA GLY A 335 -4.17 4.06 -8.37
C GLY A 335 -3.40 5.30 -7.93
N VAL A 336 -2.07 5.21 -7.95
CA VAL A 336 -1.22 6.34 -7.65
C VAL A 336 -0.16 6.49 -8.74
N ASP A 337 -0.18 7.66 -9.37
CA ASP A 337 0.89 8.11 -10.24
C ASP A 337 2.02 8.70 -9.38
N ASP A 338 2.98 7.87 -9.00
CA ASP A 338 3.99 8.30 -8.06
C ASP A 338 5.08 9.14 -8.74
N GLN A 339 4.89 9.50 -10.04
CA GLN A 339 5.79 10.44 -10.71
C GLN A 339 5.22 11.86 -10.59
N ASP A 340 4.13 12.00 -9.84
CA ASP A 340 3.42 13.25 -9.63
C ASP A 340 3.89 13.90 -8.30
N GLN A 341 5.12 14.44 -8.28
CA GLN A 341 5.73 14.93 -7.06
C GLN A 341 6.27 16.35 -7.22
N PHE A 342 6.26 17.11 -6.10
CA PHE A 342 7.09 18.30 -5.92
C PHE A 342 8.13 18.05 -4.83
N LEU A 343 9.39 18.34 -5.13
CA LEU A 343 10.46 18.32 -4.13
C LEU A 343 10.46 19.68 -3.44
N PHE A 344 10.51 19.71 -2.09
CA PHE A 344 10.59 20.95 -1.34
C PHE A 344 12.02 21.47 -1.36
N VAL A 345 12.25 22.59 -2.05
CA VAL A 345 13.59 23.16 -2.22
C VAL A 345 13.65 24.54 -1.54
N GLU A 346 14.86 25.09 -1.40
CA GLU A 346 15.02 26.49 -1.03
C GLU A 346 14.96 27.36 -2.28
N GLU A 347 15.19 28.66 -2.06
CA GLU A 347 15.01 29.66 -3.09
C GLU A 347 15.98 29.50 -4.26
N ASN A 348 17.21 29.06 -3.96
CA ASN A 348 18.19 28.80 -5.01
C ASN A 348 18.04 27.42 -5.64
N GLY A 349 17.02 26.64 -5.23
CA GLY A 349 16.84 25.32 -5.84
C GLY A 349 17.56 24.18 -5.11
N SER A 350 18.44 24.50 -4.15
CA SER A 350 19.00 23.53 -3.21
C SER A 350 17.88 22.99 -2.33
N THR A 351 18.15 21.95 -1.54
CA THR A 351 17.19 21.30 -0.65
C THR A 351 17.96 20.83 0.60
N LYS A 352 17.30 20.92 1.76
CA LYS A 352 17.80 20.38 3.03
C LYS A 352 17.51 18.87 3.11
N HIS A 353 16.63 18.37 2.23
CA HIS A 353 16.06 17.05 2.36
C HIS A 353 16.96 16.02 1.68
N ASN A 354 17.41 15.00 2.41
CA ASN A 354 18.17 13.91 1.82
C ASN A 354 17.21 12.81 1.38
N ILE A 355 17.16 12.56 0.05
CA ILE A 355 16.20 11.66 -0.55
C ILE A 355 16.88 10.42 -1.14
N HIS A 356 18.14 10.12 -0.79
CA HIS A 356 18.88 8.98 -1.32
C HIS A 356 19.35 7.99 -0.26
N ASN A 357 18.62 7.89 0.87
CA ASN A 357 19.00 7.00 1.96
C ASN A 357 18.06 5.80 2.05
N THR A 358 17.20 5.60 1.04
CA THR A 358 16.25 4.48 1.04
C THR A 358 16.96 3.19 0.65
N ILE A 359 16.29 2.05 0.82
CA ILE A 359 16.78 0.78 0.35
C ILE A 359 16.96 0.77 -1.18
N HIS A 360 16.05 1.46 -1.90
CA HIS A 360 16.12 1.59 -3.35
C HIS A 360 17.34 2.43 -3.74
N GLY A 361 17.75 3.34 -2.83
CA GLY A 361 18.78 4.29 -3.21
C GLY A 361 18.15 5.55 -3.78
N ASN A 362 16.93 5.40 -4.34
CA ASN A 362 16.11 6.52 -4.80
C ASN A 362 14.68 6.18 -4.43
N TYR A 363 13.69 6.56 -5.23
CA TYR A 363 12.30 6.15 -4.98
C TYR A 363 11.84 6.62 -3.57
N GLU A 364 12.12 7.87 -3.27
CA GLU A 364 11.76 8.42 -1.98
C GLU A 364 10.25 8.68 -1.98
N PHE A 365 9.68 8.98 -3.17
CA PHE A 365 8.32 9.49 -3.26
C PHE A 365 7.31 8.44 -3.72
N LEU A 366 6.14 8.49 -3.07
CA LEU A 366 5.00 7.68 -3.45
C LEU A 366 3.78 8.58 -3.60
N VAL A 367 3.28 9.06 -2.46
CA VAL A 367 2.02 9.78 -2.39
C VAL A 367 1.93 10.55 -1.07
N GLY A 368 1.30 11.72 -1.11
CA GLY A 368 1.05 12.45 0.12
C GLY A 368 2.25 13.30 0.53
N LEU A 369 2.24 13.76 1.80
CA LEU A 369 3.31 14.58 2.37
C LEU A 369 4.43 13.62 2.78
N ASP A 370 5.50 13.57 1.99
CA ASP A 370 6.58 12.63 2.21
C ASP A 370 7.49 13.10 3.37
N ILE A 371 7.55 12.27 4.40
CA ILE A 371 8.27 12.55 5.64
C ILE A 371 9.77 12.52 5.39
N ASP A 372 10.46 13.58 5.86
CA ASP A 372 11.91 13.63 5.81
C ASP A 372 12.51 12.76 6.92
N ASN A 373 12.73 11.47 6.63
CA ASN A 373 13.13 10.52 7.64
C ASN A 373 14.64 10.60 7.88
N SER A 374 15.31 11.48 7.11
CA SER A 374 16.71 11.85 7.35
C SER A 374 16.86 13.01 8.35
N ASN A 375 15.77 13.73 8.66
CA ASN A 375 15.80 14.84 9.61
C ASN A 375 15.89 14.31 11.04
N PRO A 376 16.95 14.64 11.81
CA PRO A 376 17.13 14.07 13.15
C PRO A 376 15.95 14.29 14.08
N THR A 377 15.20 15.39 13.97
CA THR A 377 14.00 15.56 14.77
C THR A 377 12.90 14.57 14.37
N VAL A 378 12.69 14.37 13.06
CA VAL A 378 11.73 13.42 12.53
C VAL A 378 12.07 12.00 13.01
N ARG A 379 13.37 11.67 12.97
CA ARG A 379 13.86 10.38 13.42
C ARG A 379 13.52 10.17 14.91
N LYS A 380 13.74 11.19 15.74
CA LYS A 380 13.33 11.05 17.13
C LYS A 380 11.82 10.86 17.26
N GLU A 381 11.05 11.58 16.44
CA GLU A 381 9.61 11.51 16.42
C GLU A 381 9.14 10.10 16.07
N GLN A 382 9.90 9.40 15.20
CA GLN A 382 9.50 8.09 14.72
C GLN A 382 9.73 7.06 15.82
N ILE A 383 10.85 7.20 16.55
CA ILE A 383 11.16 6.30 17.65
C ILE A 383 10.10 6.48 18.73
N HIS A 384 9.82 7.74 19.04
CA HIS A 384 8.77 8.09 19.97
C HIS A 384 7.43 7.43 19.60
N TRP A 385 7.04 7.56 18.32
CA TRP A 385 5.79 7.04 17.79
C TRP A 385 5.70 5.53 17.99
N MET A 386 6.74 4.78 17.55
CA MET A 386 6.78 3.34 17.64
C MET A 386 6.62 2.87 19.08
N ASN A 387 7.42 3.49 19.97
CA ASN A 387 7.38 3.31 21.41
C ASN A 387 5.97 3.44 21.94
N TRP A 388 5.32 4.56 21.61
CA TRP A 388 3.99 4.83 22.12
C TRP A 388 3.01 3.76 21.64
N LEU A 389 3.21 3.25 20.42
CA LEU A 389 2.32 2.24 19.86
C LEU A 389 2.45 0.90 20.60
N LEU A 390 3.69 0.44 20.82
CA LEU A 390 3.90 -0.81 21.53
C LEU A 390 3.36 -0.72 22.96
N ASP A 391 3.58 0.45 23.59
CA ASP A 391 3.30 0.72 24.99
C ASP A 391 1.80 0.79 25.23
N THR A 392 1.08 1.47 24.31
CA THR A 392 -0.33 1.77 24.48
C THR A 392 -1.21 0.60 24.06
N TYR A 393 -0.76 -0.15 23.03
CA TYR A 393 -1.64 -1.09 22.36
C TYR A 393 -1.17 -2.55 22.52
N LYS A 394 0.12 -2.73 22.81
CA LYS A 394 0.70 -4.05 23.06
C LYS A 394 0.75 -4.88 21.79
N PHE A 395 0.95 -4.22 20.64
CA PHE A 395 1.35 -4.93 19.43
C PHE A 395 2.65 -5.66 19.73
N ASP A 396 2.93 -6.74 18.99
CA ASP A 396 4.06 -7.61 19.24
C ASP A 396 5.15 -7.35 18.22
N GLY A 397 4.82 -6.51 17.24
CA GLY A 397 5.70 -6.18 16.15
C GLY A 397 4.95 -5.36 15.10
N PHE A 398 5.55 -5.30 13.91
CA PHE A 398 5.14 -4.31 12.92
C PHE A 398 5.22 -4.92 11.53
N ARG A 399 4.15 -4.72 10.74
CA ARG A 399 4.32 -4.79 9.30
C ARG A 399 4.73 -3.41 8.82
N ILE A 400 5.90 -3.32 8.15
CA ILE A 400 6.47 -2.03 7.77
C ILE A 400 6.08 -1.65 6.33
N ASP A 401 5.12 -0.71 6.26
CA ASP A 401 4.57 -0.09 5.06
C ASP A 401 5.61 0.76 4.34
N ALA A 402 5.68 0.51 3.02
CA ALA A 402 6.54 1.24 2.10
C ALA A 402 7.97 1.28 2.64
N ALA A 403 8.42 0.18 3.28
CA ALA A 403 9.74 0.13 3.94
C ALA A 403 10.92 0.49 3.04
N THR A 404 10.74 0.52 1.71
CA THR A 404 11.89 0.65 0.83
C THR A 404 11.99 2.08 0.27
N HIS A 405 11.03 2.93 0.69
CA HIS A 405 10.84 4.31 0.21
C HIS A 405 11.09 5.44 1.24
N PHE A 406 11.85 5.16 2.30
CA PHE A 406 12.29 6.22 3.21
C PHE A 406 13.65 5.84 3.79
N ASP A 407 14.30 6.81 4.46
CA ASP A 407 15.58 6.62 5.11
C ASP A 407 15.58 5.32 5.91
N LYS A 408 16.48 4.39 5.53
CA LYS A 408 16.45 3.03 6.06
C LYS A 408 16.88 3.01 7.53
N GLN A 409 17.53 4.08 8.01
CA GLN A 409 17.83 4.20 9.42
C GLN A 409 16.58 3.90 10.24
N VAL A 410 15.42 4.33 9.76
CA VAL A 410 14.18 4.18 10.51
C VAL A 410 13.91 2.69 10.71
N LEU A 411 14.32 1.87 9.73
CA LEU A 411 14.09 0.43 9.86
C LEU A 411 14.96 -0.14 11.00
N LEU A 412 16.20 0.33 11.08
CA LEU A 412 17.13 -0.16 12.09
C LEU A 412 16.72 0.31 13.49
N ASP A 413 16.18 1.52 13.57
CA ASP A 413 15.62 2.11 14.76
C ASP A 413 14.39 1.32 15.23
N GLU A 414 13.54 0.92 14.29
CA GLU A 414 12.37 0.08 14.59
C GLU A 414 12.79 -1.24 15.25
N ALA A 415 13.89 -1.87 14.77
CA ALA A 415 14.46 -3.09 15.33
C ALA A 415 14.94 -2.87 16.77
N ASP A 416 15.59 -1.72 17.00
CA ASP A 416 16.05 -1.34 18.33
C ASP A 416 14.86 -1.11 19.28
N VAL A 417 13.76 -0.53 18.77
CA VAL A 417 12.54 -0.37 19.54
C VAL A 417 12.04 -1.75 20.01
N ARG A 418 12.04 -2.73 19.10
CA ARG A 418 11.65 -4.09 19.49
C ARG A 418 12.61 -4.72 20.51
N LYS A 419 13.93 -4.57 20.29
CA LYS A 419 14.91 -5.05 21.26
C LYS A 419 14.67 -4.45 22.64
N ALA A 420 14.48 -3.12 22.69
CA ALA A 420 14.24 -2.42 23.95
C ALA A 420 12.99 -2.95 24.64
N HIS A 421 12.04 -3.51 23.86
CA HIS A 421 10.75 -3.95 24.35
C HIS A 421 10.70 -5.43 24.71
N PHE A 422 11.42 -6.28 23.96
CA PHE A 422 11.16 -7.72 23.96
C PHE A 422 12.45 -8.55 23.98
N GLY A 423 13.60 -7.91 23.75
CA GLY A 423 14.90 -8.56 23.87
C GLY A 423 15.31 -9.28 22.60
N ASN A 424 15.84 -10.51 22.79
CA ASN A 424 16.33 -11.39 21.73
C ASN A 424 15.23 -12.39 21.33
N ASP A 425 13.99 -12.19 21.83
CA ASP A 425 12.83 -13.03 21.53
C ASP A 425 12.18 -12.54 20.22
N LEU A 426 12.95 -12.62 19.12
CA LEU A 426 12.60 -12.15 17.79
C LEU A 426 11.42 -12.93 17.20
N ASN A 427 11.49 -14.27 17.30
CA ASN A 427 10.53 -15.16 16.65
C ASN A 427 9.10 -14.89 17.09
N ASN A 428 8.91 -14.50 18.35
CA ASN A 428 7.59 -14.28 18.90
C ASN A 428 7.21 -12.80 18.74
N HIS A 429 8.13 -12.00 18.19
CA HIS A 429 7.91 -10.58 17.96
C HIS A 429 8.27 -10.18 16.54
N LEU A 430 7.58 -10.78 15.54
CA LEU A 430 7.91 -10.60 14.13
C LEU A 430 7.76 -9.13 13.71
N SER A 431 8.73 -8.69 12.91
CA SER A 431 8.59 -7.56 12.01
C SER A 431 8.93 -8.00 10.57
N TYR A 432 8.13 -7.45 9.64
CA TYR A 432 8.25 -7.79 8.23
C TYR A 432 8.01 -6.51 7.43
N ILE A 433 8.91 -6.30 6.48
CA ILE A 433 8.90 -5.09 5.68
C ILE A 433 8.21 -5.37 4.34
N GLU A 434 7.31 -4.46 3.92
CA GLU A 434 6.78 -4.44 2.56
C GLU A 434 7.95 -4.09 1.65
N SER A 435 8.24 -5.02 0.71
CA SER A 435 9.33 -4.95 -0.24
C SER A 435 8.94 -5.62 -1.55
N TYR A 436 9.33 -4.96 -2.68
CA TYR A 436 9.16 -5.40 -4.06
C TYR A 436 10.49 -5.36 -4.83
N THR A 437 11.62 -5.22 -4.11
CA THR A 437 12.93 -5.17 -4.74
C THR A 437 13.90 -6.08 -3.99
N SER A 438 14.87 -6.65 -4.73
CA SER A 438 15.93 -7.46 -4.15
C SER A 438 16.89 -6.63 -3.28
N LYS A 439 16.89 -5.30 -3.44
CA LYS A 439 17.72 -4.44 -2.60
C LYS A 439 17.34 -4.56 -1.13
N ALA A 440 16.07 -4.90 -0.85
CA ALA A 440 15.60 -5.26 0.48
C ALA A 440 16.35 -6.47 1.02
N GLU A 441 16.65 -7.45 0.15
CA GLU A 441 17.33 -8.65 0.58
C GLU A 441 18.75 -8.27 0.98
N LYS A 442 19.43 -7.49 0.13
CA LYS A 442 20.81 -7.09 0.36
C LYS A 442 20.89 -6.33 1.69
N PHE A 443 19.99 -5.35 1.86
CA PHE A 443 19.89 -4.55 3.07
C PHE A 443 19.76 -5.45 4.30
N GLU A 444 18.78 -6.37 4.27
CA GLU A 444 18.52 -7.24 5.41
C GLU A 444 19.74 -8.07 5.78
N ASN A 445 20.35 -8.68 4.77
CA ASN A 445 21.46 -9.58 5.01
C ASN A 445 22.66 -8.79 5.53
N GLU A 446 22.83 -7.55 5.08
CA GLU A 446 23.98 -6.77 5.50
C GLU A 446 23.85 -6.36 6.97
N ASN A 447 22.63 -6.35 7.50
CA ASN A 447 22.34 -5.82 8.82
C ASN A 447 22.00 -6.94 9.81
N GLY A 448 22.24 -8.20 9.42
CA GLY A 448 21.96 -9.33 10.28
C GLY A 448 20.49 -9.77 10.30
N ASN A 449 19.68 -9.32 9.33
CA ASN A 449 18.33 -9.81 9.13
C ASN A 449 17.41 -9.42 10.29
N PRO A 450 17.33 -8.12 10.66
CA PRO A 450 16.43 -7.69 11.73
C PRO A 450 14.93 -7.80 11.44
N HIS A 451 14.59 -7.98 10.14
CA HIS A 451 13.20 -8.17 9.71
C HIS A 451 13.07 -9.33 8.73
N LEU A 452 11.85 -9.84 8.53
CA LEU A 452 11.52 -10.70 7.41
C LEU A 452 11.35 -9.86 6.15
N THR A 453 12.06 -10.24 5.08
CA THR A 453 11.98 -9.58 3.78
C THR A 453 10.82 -10.19 3.00
N MET A 454 10.04 -9.38 2.27
CA MET A 454 8.89 -9.90 1.54
C MET A 454 9.35 -10.65 0.29
N ASP A 455 8.81 -11.88 0.07
CA ASP A 455 9.03 -12.65 -1.16
C ASP A 455 8.13 -12.09 -2.26
N TRP A 456 8.57 -10.97 -2.84
CA TRP A 456 7.97 -10.42 -4.03
C TRP A 456 8.22 -11.33 -5.25
N ALA A 457 9.42 -11.93 -5.37
CA ALA A 457 9.85 -12.63 -6.57
C ALA A 457 8.97 -13.86 -6.81
N LEU A 458 8.73 -14.66 -5.76
CA LEU A 458 7.87 -15.82 -5.87
C LEU A 458 6.45 -15.39 -6.22
N TYR A 459 6.00 -14.26 -5.67
CA TYR A 459 4.66 -13.78 -6.00
C TYR A 459 4.48 -13.61 -7.51
N TYR A 460 5.33 -12.80 -8.16
CA TYR A 460 5.28 -12.58 -9.61
C TYR A 460 5.50 -13.89 -10.37
N THR A 461 6.30 -14.80 -9.81
CA THR A 461 6.62 -16.07 -10.46
C THR A 461 5.40 -16.99 -10.45
N LEU A 462 4.66 -16.98 -9.33
CA LEU A 462 3.42 -17.72 -9.24
C LEU A 462 2.39 -17.17 -10.23
N GLN A 463 2.34 -15.85 -10.41
CA GLN A 463 1.35 -15.22 -11.26
C GLN A 463 1.57 -15.59 -12.73
N ASP A 464 2.83 -15.79 -13.15
CA ASP A 464 3.27 -16.05 -14.52
C ASP A 464 3.23 -17.54 -14.91
N THR A 465 3.27 -18.44 -13.91
CA THR A 465 3.36 -19.88 -14.14
C THR A 465 2.03 -20.57 -13.91
N LEU A 466 1.25 -20.01 -12.96
CA LEU A 466 0.05 -20.61 -12.41
C LEU A 466 -1.13 -19.62 -12.38
N GLY A 467 -0.84 -18.31 -12.27
CA GLY A 467 -1.87 -17.28 -12.24
C GLY A 467 -2.47 -17.00 -13.62
N LYS A 468 -1.68 -17.27 -14.67
CA LYS A 468 -2.05 -16.95 -16.05
C LYS A 468 -2.66 -18.19 -16.70
N GLY A 469 -3.82 -17.99 -17.32
CA GLY A 469 -4.40 -18.97 -18.22
C GLY A 469 -3.42 -19.19 -19.36
N THR A 470 -3.15 -20.47 -19.66
CA THR A 470 -2.23 -20.88 -20.70
C THR A 470 -0.84 -20.32 -20.40
N PRO A 471 -0.18 -20.72 -19.28
CA PRO A 471 1.09 -20.12 -18.87
C PRO A 471 2.19 -20.11 -19.94
N SER A 472 2.66 -18.90 -20.24
CA SER A 472 3.98 -18.70 -20.85
C SER A 472 5.03 -18.38 -19.77
N GLN A 473 5.44 -19.44 -19.04
CA GLN A 473 6.69 -19.63 -18.31
C GLN A 473 6.75 -21.04 -17.71
N LYS A 474 7.91 -21.73 -17.82
CA LYS A 474 8.09 -23.07 -17.28
C LYS A 474 7.71 -23.09 -15.80
N LEU A 475 6.84 -24.02 -15.42
CA LEU A 475 6.27 -24.12 -14.07
C LEU A 475 7.35 -24.39 -13.02
N SER A 476 8.47 -24.99 -13.44
CA SER A 476 9.59 -25.39 -12.58
C SER A 476 10.25 -24.15 -11.97
N THR A 477 10.10 -22.99 -12.63
CA THR A 477 10.71 -21.75 -12.22
C THR A 477 10.28 -21.35 -10.80
N ILE A 478 9.15 -21.90 -10.31
CA ILE A 478 8.68 -21.65 -8.95
C ILE A 478 9.74 -22.08 -7.92
N ALA A 479 10.64 -22.98 -8.33
CA ALA A 479 11.74 -23.47 -7.53
C ALA A 479 12.83 -22.42 -7.36
N THR A 480 13.16 -21.70 -8.45
CA THR A 480 14.33 -20.82 -8.49
C THR A 480 13.97 -19.34 -8.27
N ASN A 481 12.80 -18.93 -8.75
CA ASN A 481 12.43 -17.53 -8.92
C ASN A 481 11.70 -17.03 -7.67
N SER A 482 12.47 -16.94 -6.57
CA SER A 482 12.05 -16.71 -5.20
C SER A 482 13.24 -16.13 -4.46
N VAL A 483 12.99 -15.38 -3.37
CA VAL A 483 14.07 -14.91 -2.51
C VAL A 483 14.81 -16.14 -1.95
N VAL A 484 14.13 -17.29 -1.90
CA VAL A 484 14.74 -18.57 -1.56
C VAL A 484 14.76 -19.50 -2.77
N ASN A 485 15.96 -19.97 -3.13
CA ASN A 485 16.18 -20.94 -4.20
C ASN A 485 15.98 -22.35 -3.68
N ARG A 486 14.89 -23.01 -4.12
CA ARG A 486 14.47 -24.29 -3.59
C ARG A 486 14.82 -25.45 -4.54
N SER A 487 15.69 -25.20 -5.52
CA SER A 487 16.08 -26.20 -6.52
C SER A 487 17.05 -27.21 -5.91
N GLY A 488 17.00 -28.45 -6.41
CA GLY A 488 17.83 -29.50 -5.90
C GLY A 488 17.53 -29.84 -4.44
N SER A 489 18.46 -29.47 -3.55
CA SER A 489 18.44 -29.89 -2.15
C SER A 489 17.83 -28.84 -1.22
N GLY A 490 17.58 -27.64 -1.74
CA GLY A 490 17.10 -26.52 -0.95
C GLY A 490 18.25 -25.55 -0.67
N SER A 491 17.95 -24.42 -0.01
CA SER A 491 18.95 -23.43 0.36
C SER A 491 19.54 -23.75 1.73
N ALA A 492 20.88 -23.88 1.77
CA ALA A 492 21.60 -24.19 3.00
C ALA A 492 21.40 -23.04 4.00
N HIS A 493 21.52 -21.81 3.48
CA HIS A 493 21.25 -20.60 4.26
C HIS A 493 20.24 -19.72 3.52
N ALA A 494 18.94 -19.99 3.74
CA ALA A 494 17.85 -19.20 3.17
C ALA A 494 17.70 -17.88 3.91
N ILE A 495 17.41 -16.78 3.18
CA ILE A 495 17.11 -15.51 3.81
C ILE A 495 15.76 -15.59 4.54
N PRO A 496 15.67 -15.16 5.82
CA PRO A 496 14.37 -15.08 6.51
C PRO A 496 13.43 -14.16 5.73
N ASN A 497 12.20 -14.65 5.52
CA ASN A 497 11.30 -14.05 4.54
C ASN A 497 9.86 -14.40 4.87
N TRP A 498 8.94 -13.48 4.52
CA TRP A 498 7.51 -13.73 4.55
C TRP A 498 7.01 -13.71 3.10
N SER A 499 6.21 -14.72 2.70
CA SER A 499 5.81 -14.92 1.31
C SER A 499 4.28 -14.90 1.19
N PHE A 500 3.77 -14.76 -0.05
CA PHE A 500 2.34 -14.54 -0.28
C PHE A 500 1.93 -14.97 -1.69
N VAL A 501 0.64 -15.32 -1.82
CA VAL A 501 0.02 -15.59 -3.11
C VAL A 501 -0.74 -14.35 -3.59
N ASN A 502 -1.28 -13.56 -2.65
CA ASN A 502 -2.08 -12.36 -2.92
C ASN A 502 -1.95 -11.38 -1.76
N ASN A 503 -2.29 -10.10 -1.95
CA ASN A 503 -2.43 -9.14 -0.85
C ASN A 503 -3.41 -8.02 -1.25
N HIS A 504 -3.65 -7.08 -0.32
CA HIS A 504 -4.59 -5.99 -0.48
C HIS A 504 -4.25 -5.09 -1.67
N ASP A 505 -2.95 -4.89 -1.94
CA ASP A 505 -2.52 -4.03 -3.04
C ASP A 505 -2.78 -4.69 -4.40
N GLN A 506 -2.43 -5.98 -4.53
CA GLN A 506 -2.35 -6.68 -5.81
C GLN A 506 -3.76 -6.96 -6.33
N GLU A 507 -4.65 -7.16 -5.35
CA GLU A 507 -6.08 -7.26 -5.58
C GLU A 507 -6.60 -5.91 -6.07
N LYS A 508 -6.26 -4.82 -5.36
CA LYS A 508 -6.71 -3.49 -5.73
C LYS A 508 -6.25 -3.14 -7.14
N ASN A 509 -5.04 -3.62 -7.49
CA ASN A 509 -4.46 -3.44 -8.82
C ASN A 509 -5.45 -3.99 -9.85
N ARG A 510 -5.82 -5.27 -9.67
CA ARG A 510 -6.66 -6.03 -10.57
C ARG A 510 -8.02 -5.33 -10.70
N VAL A 511 -8.54 -4.76 -9.61
CA VAL A 511 -9.82 -4.08 -9.62
C VAL A 511 -9.69 -2.78 -10.43
N ASN A 512 -8.69 -1.96 -10.10
CA ASN A 512 -8.33 -0.76 -10.84
C ASN A 512 -8.17 -1.02 -12.34
N THR A 513 -7.56 -2.15 -12.72
CA THR A 513 -7.46 -2.55 -14.12
C THR A 513 -8.86 -2.64 -14.75
N ILE A 514 -9.83 -3.11 -13.97
CA ILE A 514 -11.20 -3.22 -14.46
C ILE A 514 -11.78 -1.82 -14.65
N MET A 515 -11.60 -0.96 -13.65
CA MET A 515 -12.08 0.40 -13.70
C MET A 515 -11.50 1.13 -14.91
N LEU A 516 -10.18 0.98 -15.14
CA LEU A 516 -9.51 1.61 -16.26
C LEU A 516 -10.17 1.16 -17.57
N ASP A 517 -10.43 -0.14 -17.69
CA ASP A 517 -11.10 -0.74 -18.84
C ASP A 517 -12.48 -0.10 -19.06
N LEU A 518 -13.26 0.03 -18.00
CA LEU A 518 -14.52 0.75 -17.96
C LEU A 518 -14.39 2.25 -18.32
N TYR A 519 -13.29 2.90 -17.93
CA TYR A 519 -13.13 4.33 -18.20
C TYR A 519 -12.55 4.55 -19.60
N GLY A 520 -12.05 3.48 -20.22
CA GLY A 520 -11.49 3.55 -21.57
C GLY A 520 -10.08 4.12 -21.58
N ILE A 521 -9.30 3.82 -20.53
CA ILE A 521 -7.95 4.34 -20.34
C ILE A 521 -6.98 3.17 -20.41
N LYS A 522 -5.95 3.30 -21.26
CA LYS A 522 -4.77 2.45 -21.21
C LYS A 522 -3.67 3.17 -20.42
N THR A 523 -3.15 2.49 -19.39
CA THR A 523 -1.95 2.84 -18.65
C THR A 523 -0.76 2.93 -19.62
N GLY A 524 0.00 4.03 -19.53
CA GLY A 524 1.23 4.19 -20.27
C GLY A 524 1.06 4.75 -21.67
N GLU A 525 -0.16 5.11 -22.05
CA GLU A 525 -0.43 5.71 -23.36
C GLU A 525 0.19 7.11 -23.43
N LYS A 526 0.86 7.41 -24.57
CA LYS A 526 1.47 8.69 -24.90
C LYS A 526 0.43 9.59 -25.55
N TYR A 527 0.08 10.67 -24.86
CA TYR A 527 -0.91 11.62 -25.32
C TYR A 527 -0.22 12.82 -25.98
N THR A 528 0.13 12.68 -27.26
CA THR A 528 0.78 13.72 -28.03
C THR A 528 -0.25 14.67 -28.66
N THR A 529 -1.19 14.10 -29.45
CA THR A 529 -2.18 14.87 -30.19
C THR A 529 -3.55 14.93 -29.48
N THR A 530 -3.85 13.91 -28.65
CA THR A 530 -5.11 13.89 -27.90
C THR A 530 -4.93 14.49 -26.51
N PRO A 531 -6.03 15.01 -25.89
CA PRO A 531 -6.01 15.39 -24.47
C PRO A 531 -5.68 14.17 -23.63
N PRO A 532 -4.83 14.30 -22.59
CA PRO A 532 -4.52 13.18 -21.69
C PRO A 532 -5.77 12.87 -20.88
N LYS A 533 -5.93 11.62 -20.44
CA LYS A 533 -7.01 11.22 -19.57
C LYS A 533 -6.44 10.95 -18.17
N SER A 534 -7.27 11.18 -17.14
CA SER A 534 -6.86 11.00 -15.76
C SER A 534 -7.77 10.01 -15.04
N PHE A 535 -7.22 8.85 -14.65
CA PHE A 535 -7.90 7.91 -13.77
C PHE A 535 -8.40 8.63 -12.51
N ALA A 536 -7.50 9.43 -11.90
CA ALA A 536 -7.77 10.16 -10.67
C ALA A 536 -9.02 11.03 -10.81
N ASP A 537 -9.09 11.84 -11.87
CA ASP A 537 -10.21 12.74 -12.10
C ASP A 537 -11.51 11.95 -12.29
N LEU A 538 -11.41 10.76 -12.90
CA LEU A 538 -12.58 9.97 -13.28
C LEU A 538 -13.05 9.04 -12.14
N TYR A 539 -12.19 8.70 -11.18
CA TYR A 539 -12.54 7.78 -10.09
C TYR A 539 -13.91 8.12 -9.51
N ASP A 540 -14.76 7.09 -9.39
CA ASP A 540 -16.09 7.23 -8.79
C ASP A 540 -16.49 5.89 -8.20
N LYS A 541 -17.33 5.94 -7.15
CA LYS A 541 -17.74 4.76 -6.39
C LYS A 541 -18.63 3.81 -7.22
N GLU A 542 -19.52 4.36 -8.08
CA GLU A 542 -20.36 3.53 -8.94
C GLU A 542 -19.51 2.63 -9.84
N THR A 543 -18.46 3.21 -10.46
CA THR A 543 -17.58 2.46 -11.34
C THR A 543 -16.81 1.40 -10.54
N GLU A 544 -16.45 1.75 -9.29
CA GLU A 544 -15.77 0.84 -8.37
C GLU A 544 -16.69 -0.33 -8.03
N LYS A 545 -17.95 0.00 -7.69
CA LYS A 545 -18.99 -0.99 -7.46
C LYS A 545 -19.13 -1.93 -8.65
N LYS A 546 -19.12 -1.37 -9.88
CA LYS A 546 -19.20 -2.17 -11.09
C LYS A 546 -18.00 -3.10 -11.19
N ALA A 547 -16.80 -2.54 -10.96
CA ALA A 547 -15.54 -3.25 -11.14
C ALA A 547 -15.42 -4.40 -10.14
N LEU A 548 -15.89 -4.14 -8.91
CA LEU A 548 -15.90 -5.16 -7.87
C LEU A 548 -16.81 -6.33 -8.28
N ALA A 549 -18.02 -6.02 -8.77
CA ALA A 549 -18.97 -7.02 -9.26
C ALA A 549 -18.33 -7.87 -10.35
N ILE A 550 -17.67 -7.23 -11.30
CA ILE A 550 -16.93 -7.91 -12.36
C ILE A 550 -15.86 -8.83 -11.77
N TYR A 551 -15.07 -8.31 -10.81
CA TYR A 551 -13.95 -9.04 -10.23
C TYR A 551 -14.41 -10.37 -9.60
N LYS A 552 -15.47 -10.29 -8.80
CA LYS A 552 -15.94 -11.45 -8.06
C LYS A 552 -16.49 -12.52 -8.99
N ASP A 553 -17.24 -12.08 -10.01
CA ASP A 553 -17.74 -13.00 -11.02
C ASP A 553 -16.57 -13.71 -11.71
N ASP A 554 -15.49 -12.96 -11.96
CA ASP A 554 -14.34 -13.44 -12.71
C ASP A 554 -13.58 -14.54 -11.95
N MET A 555 -13.51 -14.41 -10.62
CA MET A 555 -12.92 -15.42 -9.72
C MET A 555 -13.59 -16.78 -9.93
N LYS A 556 -14.94 -16.74 -10.05
CA LYS A 556 -15.84 -17.89 -10.12
C LYS A 556 -15.83 -18.58 -11.49
N ARG A 557 -15.29 -17.92 -12.54
CA ARG A 557 -15.36 -18.39 -13.92
C ARG A 557 -14.15 -19.28 -14.24
N VAL A 558 -14.14 -19.90 -15.43
CA VAL A 558 -13.16 -20.92 -15.84
C VAL A 558 -12.00 -20.30 -16.64
N ASP A 559 -12.34 -19.46 -17.63
CA ASP A 559 -11.36 -18.74 -18.44
C ASP A 559 -11.22 -17.31 -17.93
N LYS A 560 -10.80 -17.18 -16.66
CA LYS A 560 -10.71 -15.93 -15.91
C LYS A 560 -10.04 -14.84 -16.75
N LYS A 561 -10.48 -13.59 -16.57
CA LYS A 561 -9.98 -12.47 -17.36
C LYS A 561 -9.06 -11.56 -16.55
N TYR A 562 -9.34 -11.42 -15.24
CA TYR A 562 -8.74 -10.41 -14.36
C TYR A 562 -8.11 -11.06 -13.12
N ALA A 563 -8.91 -11.88 -12.41
CA ALA A 563 -8.49 -12.61 -11.23
C ALA A 563 -7.53 -13.73 -11.62
N PRO A 564 -6.60 -14.15 -10.72
CA PRO A 564 -5.59 -15.17 -11.03
C PRO A 564 -6.13 -16.61 -11.08
N ASN A 565 -5.58 -17.41 -12.01
CA ASN A 565 -5.87 -18.83 -12.12
C ASN A 565 -5.09 -19.60 -11.06
N ASN A 566 -5.63 -20.75 -10.63
CA ASN A 566 -4.97 -21.77 -9.83
C ASN A 566 -4.52 -21.24 -8.47
N VAL A 567 -5.48 -20.66 -7.73
CA VAL A 567 -5.25 -20.03 -6.45
C VAL A 567 -4.84 -21.08 -5.42
N VAL A 568 -5.44 -22.26 -5.54
CA VAL A 568 -5.22 -23.39 -4.64
C VAL A 568 -3.83 -23.99 -4.89
N SER A 569 -3.48 -24.24 -6.17
CA SER A 569 -2.15 -24.66 -6.57
C SER A 569 -1.04 -23.76 -6.00
N GLN A 570 -1.27 -22.44 -6.05
CA GLN A 570 -0.34 -21.44 -5.52
C GLN A 570 -0.15 -21.65 -4.02
N TYR A 571 -1.25 -21.54 -3.26
CA TYR A 571 -1.28 -21.76 -1.82
C TYR A 571 -0.71 -23.12 -1.43
N ALA A 572 -0.98 -24.16 -2.21
CA ALA A 572 -0.44 -25.47 -1.89
C ALA A 572 1.08 -25.45 -1.94
N PHE A 573 1.63 -24.66 -2.86
CA PHE A 573 3.07 -24.54 -2.96
C PHE A 573 3.56 -23.64 -1.84
N LEU A 574 2.91 -22.48 -1.65
CA LEU A 574 3.31 -21.51 -0.63
C LEU A 574 3.37 -22.15 0.75
N LEU A 575 2.36 -22.99 1.08
CA LEU A 575 2.17 -23.48 2.44
C LEU A 575 2.97 -24.75 2.73
N THR A 576 3.73 -25.24 1.73
CA THR A 576 4.54 -26.44 1.85
C THR A 576 6.01 -26.13 1.60
N ASN A 577 6.31 -24.88 1.19
CA ASN A 577 7.70 -24.47 1.01
C ASN A 577 8.42 -24.51 2.35
N LYS A 578 9.65 -25.08 2.33
CA LYS A 578 10.63 -24.97 3.41
C LYS A 578 11.31 -23.59 3.35
N ASP A 579 11.75 -23.09 4.53
CA ASP A 579 12.38 -21.79 4.64
C ASP A 579 11.48 -20.63 4.21
N THR A 580 10.36 -20.39 4.91
CA THR A 580 9.54 -19.20 4.70
C THR A 580 8.48 -19.07 5.80
N VAL A 581 8.00 -17.85 6.05
CA VAL A 581 6.75 -17.58 6.74
C VAL A 581 5.69 -17.24 5.69
N PRO A 582 4.77 -18.18 5.37
CA PRO A 582 3.70 -17.88 4.39
C PRO A 582 2.62 -16.99 5.00
N THR A 583 1.96 -16.21 4.13
CA THR A 583 0.86 -15.32 4.45
C THR A 583 -0.41 -15.82 3.76
N ILE A 584 -1.50 -15.81 4.52
CA ILE A 584 -2.85 -16.10 4.08
C ILE A 584 -3.52 -14.74 3.94
N TYR A 585 -4.01 -14.46 2.74
CA TYR A 585 -4.68 -13.21 2.47
C TYR A 585 -6.18 -13.33 2.73
N TYR A 586 -6.69 -12.38 3.53
CA TYR A 586 -8.09 -12.21 3.86
C TYR A 586 -9.03 -12.42 2.68
N GLY A 587 -8.76 -11.70 1.59
CA GLY A 587 -9.70 -11.60 0.47
C GLY A 587 -9.60 -12.80 -0.48
N ASP A 588 -8.67 -13.72 -0.20
CA ASP A 588 -8.54 -14.98 -0.90
C ASP A 588 -9.48 -16.00 -0.27
N LEU A 589 -9.73 -15.84 1.03
CA LEU A 589 -10.59 -16.70 1.80
C LEU A 589 -12.01 -16.13 1.84
N TYR A 590 -12.11 -14.79 1.84
CA TYR A 590 -13.38 -14.11 1.97
C TYR A 590 -13.56 -13.09 0.85
N GLN A 591 -14.82 -13.00 0.38
CA GLN A 591 -15.31 -11.94 -0.50
C GLN A 591 -14.85 -10.59 0.07
N THR A 592 -14.16 -9.82 -0.79
CA THR A 592 -13.31 -8.71 -0.38
C THR A 592 -14.12 -7.51 0.12
N ASP A 593 -15.33 -7.30 -0.42
CA ASP A 593 -16.09 -6.07 -0.20
C ASP A 593 -17.31 -6.31 0.71
N ALA A 594 -17.49 -7.55 1.20
CA ALA A 594 -18.65 -7.86 2.02
C ALA A 594 -18.31 -7.53 3.48
N SER A 595 -19.31 -7.61 4.38
CA SER A 595 -19.04 -7.43 5.80
C SER A 595 -17.91 -8.37 6.16
N TYR A 596 -17.20 -8.05 7.25
CA TYR A 596 -15.95 -8.73 7.59
C TYR A 596 -16.25 -10.17 7.97
N MET A 597 -15.65 -11.12 7.21
CA MET A 597 -15.79 -12.56 7.33
C MET A 597 -17.26 -12.97 7.33
N SER A 598 -18.03 -12.50 6.34
CA SER A 598 -19.44 -12.84 6.21
C SER A 598 -19.67 -13.85 5.09
N LYS A 599 -18.81 -13.79 4.05
CA LYS A 599 -19.01 -14.55 2.85
C LYS A 599 -17.69 -15.17 2.38
N PRO A 600 -17.55 -16.52 2.40
CA PRO A 600 -16.36 -17.15 1.82
C PRO A 600 -16.34 -17.18 0.28
N THR A 601 -15.16 -17.46 -0.27
CA THR A 601 -14.93 -17.59 -1.70
C THR A 601 -14.96 -19.06 -2.08
N LEU A 602 -14.90 -19.36 -3.39
CA LEU A 602 -14.74 -20.72 -3.88
C LEU A 602 -13.40 -21.33 -3.46
N TYR A 603 -12.46 -20.48 -2.97
CA TYR A 603 -11.14 -20.92 -2.50
C TYR A 603 -11.08 -21.18 -0.99
N TYR A 604 -12.15 -20.82 -0.24
CA TYR A 604 -12.13 -20.94 1.21
C TYR A 604 -11.92 -22.39 1.66
N GLU A 605 -12.79 -23.31 1.21
CA GLU A 605 -12.72 -24.71 1.60
C GLU A 605 -11.32 -25.25 1.30
N PRO A 606 -10.85 -25.18 0.04
CA PRO A 606 -9.56 -25.75 -0.35
C PRO A 606 -8.35 -25.22 0.43
N ILE A 607 -8.33 -23.90 0.68
CA ILE A 607 -7.23 -23.24 1.36
C ILE A 607 -7.21 -23.58 2.86
N THR A 608 -8.35 -23.43 3.55
CA THR A 608 -8.40 -23.77 4.98
C THR A 608 -7.96 -25.21 5.21
N LYS A 609 -8.25 -26.10 4.26
CA LYS A 609 -7.81 -27.50 4.29
C LYS A 609 -6.30 -27.59 4.09
N LEU A 610 -5.76 -26.84 3.11
CA LEU A 610 -4.33 -26.78 2.85
C LEU A 610 -3.58 -26.33 4.11
N LEU A 611 -4.21 -25.45 4.91
CA LEU A 611 -3.72 -24.94 6.20
C LEU A 611 -3.64 -26.05 7.26
N LYS A 612 -4.70 -26.85 7.43
CA LYS A 612 -4.70 -27.97 8.35
C LYS A 612 -3.62 -28.99 7.95
N MET A 613 -3.47 -29.18 6.63
CA MET A 613 -2.47 -30.06 6.04
C MET A 613 -1.05 -29.66 6.45
N ARG A 614 -0.64 -28.44 6.09
CA ARG A 614 0.66 -27.86 6.47
C ARG A 614 0.95 -28.16 7.94
N LYS A 615 0.02 -27.74 8.79
CA LYS A 615 0.13 -27.84 10.24
C LYS A 615 0.38 -29.28 10.68
N ALA A 616 -0.18 -30.26 9.93
CA ALA A 616 -0.03 -31.68 10.22
C ALA A 616 1.20 -32.32 9.56
N TYR A 617 1.60 -31.87 8.35
CA TYR A 617 2.46 -32.67 7.48
C TYR A 617 3.69 -31.94 6.92
N ALA A 618 3.79 -30.62 7.08
CA ALA A 618 4.77 -29.82 6.32
C ALA A 618 6.09 -29.70 7.11
N TYR A 619 6.82 -30.83 7.15
CA TYR A 619 8.07 -31.01 7.87
C TYR A 619 9.09 -31.73 6.98
N GLY A 620 10.38 -31.65 7.33
CA GLY A 620 11.44 -32.41 6.67
C GLY A 620 12.08 -31.66 5.49
N GLY A 621 12.95 -32.36 4.76
CA GLY A 621 13.64 -31.77 3.61
C GLY A 621 12.66 -31.49 2.48
N GLN A 622 13.06 -30.63 1.53
CA GLN A 622 12.24 -30.30 0.37
C GLN A 622 12.98 -30.66 -0.91
N LYS A 623 12.29 -31.36 -1.82
CA LYS A 623 12.78 -31.72 -3.16
C LYS A 623 11.70 -31.44 -4.20
N ILE A 624 12.08 -30.68 -5.24
CA ILE A 624 11.28 -30.36 -6.40
C ILE A 624 11.86 -31.07 -7.62
N THR A 625 11.10 -32.04 -8.16
CA THR A 625 11.43 -32.77 -9.38
C THR A 625 10.62 -32.19 -10.53
N GLY A 626 11.32 -31.90 -11.64
CA GLY A 626 10.69 -31.62 -12.92
C GLY A 626 10.34 -32.91 -13.66
N TYR A 627 9.26 -32.89 -14.46
CA TYR A 627 8.80 -34.01 -15.27
C TYR A 627 8.51 -33.58 -16.70
N THR A 628 8.59 -34.58 -17.59
CA THR A 628 8.03 -34.55 -18.93
C THR A 628 6.58 -35.01 -18.85
N SER A 629 5.76 -34.52 -19.79
CA SER A 629 4.39 -34.95 -20.01
C SER A 629 4.23 -35.24 -21.51
N ASN A 630 3.02 -35.62 -21.91
CA ASN A 630 2.69 -35.71 -23.33
C ASN A 630 2.80 -34.31 -23.93
N THR A 631 2.42 -33.31 -23.12
CA THR A 631 2.33 -31.90 -23.49
C THR A 631 3.71 -31.24 -23.61
N SER A 632 4.73 -31.78 -22.94
CA SER A 632 6.12 -31.34 -23.10
C SER A 632 7.10 -32.51 -22.96
N PRO A 633 7.33 -33.32 -24.03
CA PRO A 633 8.21 -34.48 -23.97
C PRO A 633 9.70 -34.12 -24.09
N GLU A 634 9.96 -32.88 -24.52
CA GLU A 634 11.30 -32.37 -24.72
C GLU A 634 11.89 -31.92 -23.37
N THR A 635 11.33 -30.86 -22.79
CA THR A 635 11.87 -30.19 -21.61
C THR A 635 11.11 -30.62 -20.34
N ALA A 636 11.82 -31.29 -19.43
CA ALA A 636 11.34 -31.66 -18.09
C ALA A 636 11.02 -30.42 -17.27
N GLY A 637 9.84 -30.43 -16.62
CA GLY A 637 9.44 -29.40 -15.66
C GLY A 637 8.68 -28.22 -16.27
N GLN A 638 8.40 -28.28 -17.58
CA GLN A 638 7.72 -27.22 -18.30
C GLN A 638 6.29 -27.01 -17.78
N ASP A 639 5.55 -28.12 -17.57
CA ASP A 639 4.14 -28.04 -17.25
C ASP A 639 3.78 -28.93 -16.06
N LEU A 640 4.73 -29.78 -15.62
CA LEU A 640 4.51 -30.75 -14.53
C LEU A 640 5.70 -30.79 -13.56
N ILE A 641 5.40 -30.83 -12.24
CA ILE A 641 6.37 -30.83 -11.12
C ILE A 641 5.78 -31.51 -9.88
N ALA A 642 6.67 -31.97 -8.99
CA ALA A 642 6.29 -32.42 -7.64
C ALA A 642 7.14 -31.69 -6.61
N SER A 643 6.48 -31.05 -5.63
CA SER A 643 7.15 -30.38 -4.52
C SER A 643 6.94 -31.20 -3.26
N VAL A 644 7.99 -31.93 -2.86
CA VAL A 644 7.94 -32.93 -1.81
C VAL A 644 8.58 -32.37 -0.55
N ARG A 645 7.81 -32.40 0.56
CA ARG A 645 8.31 -32.38 1.92
C ARG A 645 8.38 -33.83 2.42
N TYR A 646 9.60 -34.30 2.70
CA TYR A 646 9.92 -35.70 2.98
C TYR A 646 9.34 -36.18 4.32
N GLY A 647 9.01 -35.23 5.20
CA GLY A 647 8.60 -35.49 6.58
C GLY A 647 9.79 -35.61 7.53
N LYS A 648 9.52 -35.41 8.84
CA LYS A 648 10.49 -35.61 9.90
C LYS A 648 10.43 -37.06 10.41
N ASP A 649 9.23 -37.64 10.39
CA ASP A 649 8.98 -39.05 10.68
C ASP A 649 8.15 -39.64 9.54
N ARG A 650 7.91 -40.95 9.59
CA ARG A 650 7.17 -41.76 8.63
C ARG A 650 5.73 -41.26 8.43
N TYR A 651 5.25 -40.41 9.36
CA TYR A 651 3.86 -39.99 9.50
C TYR A 651 3.68 -38.49 9.17
N THR A 652 4.77 -37.82 8.75
CA THR A 652 4.73 -36.45 8.24
C THR A 652 5.31 -36.42 6.84
N GLY A 653 5.25 -35.25 6.18
CA GLY A 653 5.62 -35.10 4.78
C GLY A 653 4.38 -34.95 3.88
N VAL A 654 4.60 -34.59 2.61
CA VAL A 654 3.55 -34.30 1.65
C VAL A 654 4.17 -34.18 0.26
N ALA A 655 3.47 -34.70 -0.76
CA ALA A 655 3.86 -34.57 -2.16
C ALA A 655 2.87 -33.67 -2.89
N VAL A 656 3.31 -32.42 -3.20
CA VAL A 656 2.52 -31.48 -3.96
C VAL A 656 2.85 -31.63 -5.43
N VAL A 657 1.92 -32.22 -6.17
CA VAL A 657 2.06 -32.42 -7.60
C VAL A 657 1.19 -31.36 -8.27
N ILE A 658 1.76 -30.72 -9.30
CA ILE A 658 1.13 -29.62 -10.01
C ILE A 658 1.46 -29.76 -11.50
N GLY A 659 0.47 -29.56 -12.38
CA GLY A 659 0.69 -29.37 -13.80
C GLY A 659 -0.21 -28.25 -14.32
N THR A 660 0.16 -27.68 -15.49
CA THR A 660 -0.48 -26.48 -16.03
C THR A 660 -1.27 -26.74 -17.32
N ASN A 661 -1.32 -28.00 -17.78
CA ASN A 661 -1.99 -28.28 -19.05
C ASN A 661 -3.20 -29.19 -18.85
N PRO A 662 -4.42 -28.71 -19.21
CA PRO A 662 -5.65 -29.51 -19.09
C PRO A 662 -5.66 -30.83 -19.87
N LYS A 663 -4.81 -30.90 -20.91
CA LYS A 663 -4.75 -32.09 -21.76
C LYS A 663 -3.89 -33.16 -21.09
N THR A 664 -2.80 -32.75 -20.41
CA THR A 664 -1.77 -33.64 -19.88
C THR A 664 -2.34 -35.02 -19.53
N ASP A 665 -1.61 -36.06 -19.95
CA ASP A 665 -1.92 -37.45 -19.63
C ASP A 665 -0.61 -38.25 -19.53
N THR A 666 -0.04 -38.30 -18.31
CA THR A 666 1.22 -38.95 -18.04
C THR A 666 1.08 -39.71 -16.72
N THR A 667 1.96 -40.69 -16.49
CA THR A 667 2.18 -41.28 -15.19
C THR A 667 3.63 -40.99 -14.77
N ILE A 668 3.81 -40.40 -13.57
CA ILE A 668 5.10 -39.98 -13.04
C ILE A 668 5.40 -40.76 -11.76
N LYS A 669 6.69 -40.90 -11.43
CA LYS A 669 7.19 -41.53 -10.21
C LYS A 669 7.63 -40.43 -9.24
N VAL A 670 6.96 -40.33 -8.07
CA VAL A 670 7.25 -39.35 -7.02
C VAL A 670 7.85 -40.06 -5.80
N ASP A 671 9.16 -39.85 -5.58
CA ASP A 671 9.91 -40.50 -4.49
C ASP A 671 9.65 -39.76 -3.18
N MET A 672 9.10 -40.48 -2.19
CA MET A 672 8.81 -39.96 -0.86
C MET A 672 9.91 -40.34 0.14
N GLY A 673 10.88 -41.13 -0.33
CA GLY A 673 11.93 -41.67 0.53
C GLY A 673 11.50 -43.00 1.15
N THR A 674 12.48 -43.71 1.74
CA THR A 674 12.34 -45.10 2.14
C THR A 674 11.44 -45.27 3.37
N LYS A 675 11.37 -44.23 4.21
CA LYS A 675 10.55 -44.25 5.42
C LYS A 675 9.05 -44.27 5.10
N HIS A 676 8.69 -44.04 3.84
CA HIS A 676 7.30 -44.05 3.39
C HIS A 676 6.96 -45.29 2.54
N ALA A 677 7.72 -46.38 2.74
CA ALA A 677 7.50 -47.66 2.09
C ALA A 677 6.13 -48.22 2.46
N ASN A 678 5.43 -48.77 1.46
CA ASN A 678 4.18 -49.52 1.59
C ASN A 678 3.19 -48.79 2.50
N GLN A 679 2.94 -47.52 2.17
CA GLN A 679 2.13 -46.59 2.96
C GLN A 679 1.01 -46.04 2.06
N VAL A 680 -0.19 -45.87 2.63
CA VAL A 680 -1.33 -45.32 1.92
C VAL A 680 -1.22 -43.80 1.90
N PHE A 681 -1.23 -43.21 0.69
CA PHE A 681 -1.27 -41.76 0.44
C PHE A 681 -2.68 -41.38 -0.04
N LYS A 682 -3.16 -40.22 0.43
CA LYS A 682 -4.50 -39.69 0.19
C LYS A 682 -4.40 -38.20 -0.21
N ASP A 683 -5.12 -37.78 -1.28
CA ASP A 683 -5.10 -36.39 -1.70
C ASP A 683 -5.82 -35.51 -0.67
N ALA A 684 -5.06 -34.66 0.02
CA ALA A 684 -5.59 -33.79 1.06
C ALA A 684 -6.57 -32.75 0.51
N THR A 685 -6.50 -32.47 -0.81
CA THR A 685 -7.30 -31.43 -1.45
C THR A 685 -8.72 -31.89 -1.77
N GLY A 686 -8.96 -33.21 -1.84
CA GLY A 686 -10.25 -33.78 -2.20
C GLY A 686 -10.44 -33.95 -3.71
N PHE A 687 -9.47 -33.46 -4.48
CA PHE A 687 -9.53 -33.35 -5.93
C PHE A 687 -9.46 -34.73 -6.59
N HIS A 688 -8.61 -35.63 -6.06
CA HIS A 688 -8.51 -37.02 -6.48
C HIS A 688 -8.79 -37.90 -5.26
N SER A 689 -9.66 -38.92 -5.44
CA SER A 689 -10.10 -39.77 -4.33
C SER A 689 -9.45 -41.15 -4.37
N GLU A 690 -8.64 -41.42 -5.41
CA GLU A 690 -7.74 -42.57 -5.54
C GLU A 690 -6.81 -42.66 -4.32
N LYS A 691 -6.74 -43.86 -3.72
CA LYS A 691 -5.79 -44.16 -2.63
C LYS A 691 -4.56 -44.84 -3.26
N LEU A 692 -3.43 -44.13 -3.23
CA LEU A 692 -2.17 -44.64 -3.74
C LEU A 692 -1.45 -45.36 -2.60
N VAL A 693 -0.68 -46.40 -2.96
CA VAL A 693 0.19 -47.10 -2.04
C VAL A 693 1.61 -46.89 -2.52
N ALA A 694 2.50 -46.43 -1.63
CA ALA A 694 3.92 -46.32 -1.97
C ALA A 694 4.52 -47.72 -1.97
N ASP A 695 5.52 -47.91 -2.84
CA ASP A 695 6.18 -49.19 -3.10
C ASP A 695 7.25 -49.46 -2.03
N ASN A 696 7.98 -50.57 -2.21
CA ASN A 696 9.18 -50.96 -1.47
C ASN A 696 9.93 -49.77 -0.89
N LYS A 697 10.27 -48.80 -1.76
CA LYS A 697 11.25 -47.75 -1.52
C LYS A 697 10.58 -46.40 -1.20
N GLY A 698 9.25 -46.40 -1.09
CA GLY A 698 8.45 -45.22 -0.78
C GLY A 698 8.25 -44.29 -1.98
N VAL A 699 8.18 -44.88 -3.18
CA VAL A 699 7.82 -44.19 -4.41
C VAL A 699 6.31 -44.29 -4.63
N LEU A 700 5.73 -43.23 -5.20
CA LEU A 700 4.32 -43.22 -5.62
C LEU A 700 4.27 -43.17 -7.15
N THR A 701 3.47 -44.08 -7.72
CA THR A 701 3.03 -44.03 -9.11
C THR A 701 1.74 -43.21 -9.17
N ILE A 702 1.80 -42.07 -9.88
CA ILE A 702 0.73 -41.07 -9.92
C ILE A 702 0.29 -40.83 -11.36
N ARG A 703 -0.97 -41.19 -11.66
CA ARG A 703 -1.60 -40.95 -12.96
C ARG A 703 -2.13 -39.52 -12.99
N VAL A 704 -1.59 -38.71 -13.92
CA VAL A 704 -1.81 -37.27 -13.95
C VAL A 704 -2.85 -36.96 -15.02
N LYS A 705 -4.12 -36.82 -14.61
CA LYS A 705 -5.16 -36.55 -15.62
C LYS A 705 -5.48 -35.06 -15.63
N GLY A 706 -5.06 -34.39 -16.73
CA GLY A 706 -5.26 -32.96 -16.89
C GLY A 706 -6.75 -32.64 -16.87
N THR A 707 -7.07 -31.42 -16.38
CA THR A 707 -8.42 -30.92 -16.19
C THR A 707 -8.45 -29.40 -16.40
N ALA A 708 -9.66 -28.82 -16.49
CA ALA A 708 -9.91 -27.38 -16.49
C ALA A 708 -11.30 -27.08 -15.90
N ASN A 709 -11.33 -26.53 -14.69
CA ASN A 709 -12.50 -25.90 -14.09
C ASN A 709 -12.04 -24.58 -13.42
N ALA A 710 -12.74 -24.13 -12.36
CA ALA A 710 -12.51 -22.83 -11.74
C ALA A 710 -11.31 -22.86 -10.77
N LEU A 711 -11.06 -24.05 -10.18
CA LEU A 711 -10.06 -24.27 -9.15
C LEU A 711 -8.70 -24.62 -9.77
N VAL A 712 -8.72 -25.33 -10.90
CA VAL A 712 -7.55 -26.01 -11.43
C VAL A 712 -7.52 -25.83 -12.95
N LYS A 713 -6.33 -25.53 -13.51
CA LYS A 713 -6.09 -25.63 -14.95
C LYS A 713 -4.77 -26.38 -15.18
N GLY A 714 -4.91 -27.69 -15.45
CA GLY A 714 -3.79 -28.62 -15.49
C GLY A 714 -3.98 -29.74 -14.47
N TYR A 715 -3.21 -29.71 -13.38
CA TYR A 715 -3.31 -30.71 -12.32
C TYR A 715 -2.82 -30.15 -10.98
N LEU A 716 -3.58 -30.48 -9.92
CA LEU A 716 -3.16 -30.43 -8.53
C LEU A 716 -3.46 -31.77 -7.85
N GLY A 717 -2.41 -32.39 -7.28
CA GLY A 717 -2.51 -33.39 -6.22
C GLY A 717 -1.63 -33.01 -5.04
N VAL A 718 -2.14 -33.21 -3.81
CA VAL A 718 -1.45 -32.95 -2.55
C VAL A 718 -1.56 -34.18 -1.66
N TRP A 719 -0.60 -35.10 -1.85
CA TRP A 719 -0.65 -36.47 -1.36
C TRP A 719 0.04 -36.60 -0.01
N VAL A 720 -0.72 -37.04 1.01
CA VAL A 720 -0.28 -37.12 2.39
C VAL A 720 -0.43 -38.56 2.90
N PRO A 721 0.53 -39.11 3.70
CA PRO A 721 0.39 -40.44 4.30
C PRO A 721 -0.68 -40.52 5.40
N THR A 722 -1.34 -41.71 5.52
CA THR A 722 -2.03 -42.10 6.74
C THR A 722 -1.07 -41.97 7.92
N LYS A 723 -1.62 -41.84 9.15
CA LYS A 723 -0.86 -41.81 10.41
C LYS A 723 -1.07 -43.12 11.19
#